data_4WKS
#
_entry.id   4WKS
#
_cell.length_a   121.862
_cell.length_b   167.471
_cell.length_c   94.450
_cell.angle_alpha   90.00
_cell.angle_beta   90.00
_cell.angle_gamma   90.00
#
_symmetry.space_group_name_H-M   'C 2 2 21'
#
loop_
_entity.id
_entity.type
_entity.pdbx_description
1 polymer 'Acyl-homoserine lactone acylase PvdQ'
2 polymer 'Acyl-homoserine lactone acylase PvdQ'
3 non-polymer 'ethylboronic acid'
4 water water
#
loop_
_entity_poly.entity_id
_entity_poly.type
_entity_poly.pdbx_seq_one_letter_code
_entity_poly.pdbx_strand_id
1 'polypeptide(L)'
;SNAIAVGSERSADGKGMLLANPHFPWNGAMRFYQMHLTIPGRLDVMGASLPGLPVVNIGFSRHLAWTHTVDTSSHFTLYR
LALDPKDPRRYLVDGRSLPLEEKSVAIEVRGADGKLSRVEHKVYQSIYGPLVVWPGKLDWNRSEAYALRDANLENTRVLQ
QWYSINQASDVADLRRRVEALQGIPWVNTLAADEQGNALYMNQSVVPYLKPELIPACAIPQLVAEGLPALQGQDSRCAWS
RDPAAAQAGITPAAQLPVLLRRDFVQNSNDSAWLTNPASPLQGFSPLVSQEKPIGPRARYALSRLQGKQPLEAKTLEEMV
TANHVFSADQVLPDLLRLCRDNQGEKSLARACAALAQWDRGANLDSGSGFVYFQRFMQRFAELDGAWKEPFDAQRPLDTP
QGIALDRPQVATQVRQALADAAAEVEKSGIPDGARWGDLQVSTRGQERIAIPGGDGHFGVYNAIQSVRKGDHLEVVGGTS
YIQLVTFPEEGPKARGLLAFSQSSDPRSPHYRDQTELFSRQQWQTLPFSDRQIDADPQLQRLSIREAA
;
C
2 'polypeptide(L)'
;PTGLAADIRWTAYGVPHIRAKDERGLGYGIGYAYARDNACLLAEEIVTARGERARYFGSEGKSSAELDNLPSDIFYAWLN
QPEALQAFWQAQTPAVRQLLEGYAAGFNRFLREADGKTTSCLGQPWLRAIATDDLLRLTRRLLVEGGVGQFADALVAAAP
PGAEK
;
A
#
# COMPACT_ATOMS: atom_id res chain seq x y z
N SER A 1 -4.08 4.97 2.70
CA SER A 1 -4.93 4.18 3.55
C SER A 1 -5.45 5.05 4.69
N ASN A 2 -6.65 4.69 5.19
CA ASN A 2 -7.17 5.31 6.41
C ASN A 2 -7.47 4.19 7.40
N ALA A 3 -7.42 4.51 8.69
CA ALA A 3 -7.92 3.56 9.69
C ALA A 3 -8.39 4.36 10.90
N ILE A 4 -9.47 3.87 11.53
CA ILE A 4 -9.96 4.49 12.76
C ILE A 4 -10.34 3.39 13.72
N ALA A 5 -9.78 3.41 14.93
CA ALA A 5 -10.22 2.46 15.97
C ALA A 5 -10.88 3.28 17.09
N VAL A 6 -12.04 2.83 17.54
CA VAL A 6 -12.79 3.54 18.58
C VAL A 6 -12.93 2.64 19.77
N GLY A 7 -12.74 3.19 20.97
CA GLY A 7 -12.91 2.39 22.16
C GLY A 7 -14.16 2.67 22.98
N SER A 8 -14.19 2.09 24.17
CA SER A 8 -15.37 2.07 24.99
C SER A 8 -15.82 3.46 25.47
N GLU A 9 -14.92 4.43 25.52
CA GLU A 9 -15.28 5.78 25.95
C GLU A 9 -15.94 6.64 24.87
N ARG A 10 -15.91 6.20 23.62
CA ARG A 10 -16.53 6.97 22.55
C ARG A 10 -17.53 6.18 21.70
N SER A 11 -17.47 4.84 21.71
CA SER A 11 -18.42 4.09 20.87
C SER A 11 -19.84 4.17 21.45
N ALA A 12 -20.84 4.11 20.58
CA ALA A 12 -22.20 4.19 21.01
C ALA A 12 -22.58 2.99 21.89
N ASP A 13 -21.96 1.83 21.66
CA ASP A 13 -22.30 0.65 22.43
C ASP A 13 -21.34 0.37 23.59
N GLY A 14 -20.31 1.19 23.77
CA GLY A 14 -19.36 0.96 24.86
C GLY A 14 -18.35 -0.17 24.56
N LYS A 15 -18.29 -0.63 23.31
CA LYS A 15 -17.36 -1.70 22.95
C LYS A 15 -16.45 -1.21 21.85
N GLY A 16 -15.48 -2.00 21.40
CA GLY A 16 -14.62 -1.46 20.34
C GLY A 16 -15.26 -1.47 18.95
N MET A 17 -14.69 -0.66 18.09
CA MET A 17 -15.14 -0.61 16.71
C MET A 17 -13.91 -0.26 15.83
N LEU A 18 -13.82 -0.82 14.62
CA LEU A 18 -12.70 -0.51 13.74
C LEU A 18 -13.17 -0.26 12.32
N LEU A 19 -12.74 0.85 11.74
CA LEU A 19 -12.90 1.09 10.29
C LEU A 19 -11.57 0.86 9.61
N ALA A 20 -11.55 -0.04 8.63
CA ALA A 20 -10.39 -0.31 7.82
C ALA A 20 -10.62 0.13 6.39
N ASN A 21 -9.84 1.12 5.91
CA ASN A 21 -9.98 1.64 4.55
C ASN A 21 -8.60 1.77 3.89
N PRO A 22 -7.92 0.63 3.67
CA PRO A 22 -6.68 0.68 2.89
C PRO A 22 -6.88 1.16 1.44
N HIS A 23 -5.90 1.91 0.95
CA HIS A 23 -5.95 2.40 -0.44
C HIS A 23 -4.82 1.72 -1.20
N PHE A 24 -5.16 0.74 -2.04
CA PHE A 24 -4.16 -0.13 -2.67
CA PHE A 24 -4.14 -0.10 -2.68
C PHE A 24 -4.52 -0.30 -4.14
N PRO A 25 -3.60 -0.83 -4.94
CA PRO A 25 -3.91 -0.96 -6.37
C PRO A 25 -5.12 -1.87 -6.63
N TRP A 26 -5.78 -1.59 -7.76
CA TRP A 26 -6.92 -2.38 -8.20
C TRP A 26 -6.49 -3.56 -9.06
N ASN A 27 -5.18 -3.69 -9.32
CA ASN A 27 -4.65 -4.81 -10.14
C ASN A 27 -3.28 -5.20 -9.63
N GLY A 28 -2.79 -6.37 -10.06
CA GLY A 28 -1.40 -6.70 -9.77
C GLY A 28 -1.15 -7.38 -8.47
N ALA A 29 0.16 -7.29 -8.06
CA ALA A 29 0.63 -8.10 -6.94
C ALA A 29 0.16 -7.60 -5.58
N MET A 30 -0.44 -6.42 -5.53
CA MET A 30 -1.01 -5.94 -4.27
C MET A 30 -2.56 -5.86 -4.30
N ARG A 31 -3.18 -6.71 -5.13
CA ARG A 31 -4.64 -6.72 -5.22
CA ARG A 31 -4.64 -6.72 -5.22
C ARG A 31 -5.22 -7.56 -4.09
N PHE A 32 -5.94 -6.95 -3.14
CA PHE A 32 -6.52 -7.71 -2.03
C PHE A 32 -7.54 -8.79 -2.46
N TYR A 33 -7.63 -9.82 -1.62
CA TYR A 33 -8.53 -10.93 -1.86
C TYR A 33 -9.17 -11.33 -0.54
N GLN A 34 -10.52 -11.48 -0.53
CA GLN A 34 -11.19 -11.85 0.74
C GLN A 34 -11.11 -13.33 1.05
N MET A 35 -10.86 -13.68 2.31
CA MET A 35 -10.97 -15.11 2.65
C MET A 35 -11.14 -15.22 4.17
N HIS A 36 -11.74 -16.34 4.59
CA HIS A 36 -11.94 -16.68 6.01
C HIS A 36 -11.22 -18.02 6.26
N LEU A 37 -10.36 -18.06 7.30
CA LEU A 37 -9.49 -19.22 7.56
C LEU A 37 -9.83 -19.80 8.93
N THR A 38 -10.03 -21.11 9.00
CA THR A 38 -10.31 -21.76 10.28
C THR A 38 -9.56 -23.08 10.48
N ILE A 39 -8.80 -23.21 11.60
CA ILE A 39 -8.35 -24.50 12.02
C ILE A 39 -9.07 -24.69 13.37
N PRO A 40 -10.15 -25.43 13.42
CA PRO A 40 -11.06 -25.40 14.58
C PRO A 40 -10.34 -25.63 15.88
N GLY A 41 -10.63 -24.73 16.83
CA GLY A 41 -10.00 -24.84 18.15
C GLY A 41 -8.85 -23.86 18.31
N ARG A 42 -8.22 -23.40 17.24
CA ARG A 42 -7.07 -22.54 17.44
C ARG A 42 -6.83 -21.45 16.42
N LEU A 43 -7.64 -21.38 15.34
CA LEU A 43 -7.45 -20.30 14.36
C LEU A 43 -8.81 -20.01 13.75
N ASP A 44 -9.29 -18.76 13.81
CA ASP A 44 -10.56 -18.46 13.15
C ASP A 44 -10.55 -16.98 12.85
N VAL A 45 -10.22 -16.66 11.58
CA VAL A 45 -9.94 -15.25 11.26
C VAL A 45 -10.46 -14.96 9.86
N MET A 46 -10.96 -13.77 9.64
CA MET A 46 -11.47 -13.41 8.31
C MET A 46 -11.03 -12.03 7.89
N GLY A 47 -10.80 -11.80 6.60
CA GLY A 47 -10.44 -10.47 6.16
C GLY A 47 -9.97 -10.55 4.74
N ALA A 48 -8.86 -9.90 4.44
CA ALA A 48 -8.39 -9.93 3.06
C ALA A 48 -6.86 -10.04 3.08
N SER A 49 -6.34 -10.59 1.98
CA SER A 49 -4.92 -10.90 1.91
C SER A 49 -4.38 -10.48 0.54
N LEU A 50 -3.05 -10.46 0.42
CA LEU A 50 -2.41 -10.10 -0.84
C LEU A 50 -2.09 -11.36 -1.60
N PRO A 51 -1.95 -11.27 -2.95
CA PRO A 51 -1.74 -12.46 -3.80
C PRO A 51 -0.54 -13.31 -3.38
N GLY A 52 -0.79 -14.61 -3.18
CA GLY A 52 0.28 -15.55 -2.92
C GLY A 52 0.53 -15.76 -1.43
N LEU A 53 -0.11 -14.99 -0.56
CA LEU A 53 0.17 -15.10 0.92
C LEU A 53 -0.91 -15.95 1.59
N PRO A 54 -0.53 -17.05 2.28
CA PRO A 54 -1.54 -17.93 2.88
C PRO A 54 -1.92 -17.49 4.28
N VAL A 55 -2.10 -16.16 4.47
CA VAL A 55 -2.46 -15.58 5.75
C VAL A 55 -3.37 -14.43 5.50
N VAL A 56 -4.15 -14.03 6.51
CA VAL A 56 -5.02 -12.85 6.40
C VAL A 56 -4.22 -11.62 6.77
N ASN A 57 -4.21 -10.60 5.92
CA ASN A 57 -3.40 -9.42 6.24
C ASN A 57 -4.14 -8.30 7.02
N ILE A 58 -5.43 -8.10 6.70
CA ILE A 58 -6.32 -7.12 7.38
C ILE A 58 -7.57 -7.91 7.70
N GLY A 59 -8.04 -7.90 8.94
CA GLY A 59 -9.18 -8.77 9.20
C GLY A 59 -9.67 -8.67 10.59
N PHE A 60 -10.38 -9.70 11.01
CA PHE A 60 -10.98 -9.72 12.33
C PHE A 60 -11.16 -11.17 12.78
N SER A 61 -11.34 -11.31 14.08
CA SER A 61 -11.63 -12.62 14.70
C SER A 61 -12.70 -12.41 15.79
N ARG A 62 -12.92 -13.38 16.68
CA ARG A 62 -14.07 -13.29 17.53
C ARG A 62 -14.11 -12.03 18.41
N HIS A 63 -12.95 -11.56 18.85
CA HIS A 63 -12.94 -10.46 19.82
C HIS A 63 -12.08 -9.29 19.33
N LEU A 64 -11.55 -9.37 18.09
CA LEU A 64 -10.49 -8.44 17.68
C LEU A 64 -10.66 -8.07 16.23
N ALA A 65 -10.38 -6.83 15.85
CA ALA A 65 -10.26 -6.44 14.46
C ALA A 65 -9.02 -5.58 14.31
N TRP A 66 -8.33 -5.72 13.18
CA TRP A 66 -7.09 -4.94 12.97
C TRP A 66 -6.91 -4.58 11.53
N THR A 67 -6.13 -3.49 11.30
CA THR A 67 -5.83 -3.12 9.92
C THR A 67 -4.51 -2.42 9.91
N HIS A 68 -4.12 -1.96 8.73
CA HIS A 68 -2.83 -1.36 8.54
C HIS A 68 -2.92 -0.13 7.65
N THR A 69 -1.96 0.76 7.83
CA THR A 69 -1.84 1.86 6.90
C THR A 69 -0.34 2.05 6.64
N VAL A 70 0.04 2.50 5.43
CA VAL A 70 1.46 2.75 5.16
C VAL A 70 1.99 3.84 6.08
N ASP A 71 3.17 3.60 6.65
CA ASP A 71 3.65 4.53 7.65
C ASP A 71 4.65 5.52 7.01
N THR A 72 5.10 6.45 7.82
CA THR A 72 6.04 7.48 7.32
C THR A 72 7.47 7.17 7.72
N SER A 73 7.69 6.09 8.44
CA SER A 73 9.05 5.70 8.85
C SER A 73 9.89 5.27 7.70
N SER A 74 11.22 5.38 7.86
CA SER A 74 12.13 4.97 6.83
C SER A 74 12.42 3.51 7.04
N HIS A 75 12.45 2.73 5.93
CA HIS A 75 12.75 1.33 6.07
C HIS A 75 14.02 0.92 5.37
N PHE A 76 14.83 1.93 5.08
CA PHE A 76 16.12 1.73 4.43
C PHE A 76 16.95 2.95 4.78
N THR A 77 18.25 2.89 4.52
CA THR A 77 19.00 4.16 4.45
C THR A 77 19.86 4.15 3.20
N LEU A 78 20.17 5.35 2.68
CA LEU A 78 21.15 5.49 1.63
C LEU A 78 22.48 5.77 2.31
N TYR A 79 23.55 5.37 1.68
CA TYR A 79 24.91 5.68 2.18
C TYR A 79 25.65 6.38 1.06
N ARG A 80 26.13 7.59 1.33
CA ARG A 80 26.97 8.27 0.37
C ARG A 80 28.39 7.72 0.48
N LEU A 81 28.89 7.13 -0.59
CA LEU A 81 30.22 6.53 -0.56
C LEU A 81 31.25 7.56 -0.98
N ALA A 82 32.42 7.54 -0.32
CA ALA A 82 33.57 8.27 -0.79
C ALA A 82 34.43 7.38 -1.68
N LEU A 83 34.48 7.68 -2.97
CA LEU A 83 35.18 6.77 -3.86
C LEU A 83 36.71 6.96 -3.71
N ASP A 84 37.42 5.87 -3.93
CA ASP A 84 38.89 5.88 -4.00
C ASP A 84 39.26 6.77 -5.14
N PRO A 85 40.07 7.80 -4.87
CA PRO A 85 40.36 8.69 -5.99
C PRO A 85 41.12 8.05 -7.21
N LYS A 86 41.77 6.91 -7.00
CA LYS A 86 42.40 6.15 -8.09
C LYS A 86 41.52 5.16 -8.86
N ASP A 87 40.27 4.94 -8.41
CA ASP A 87 39.48 3.81 -8.91
C ASP A 87 38.06 3.94 -8.42
N PRO A 88 37.15 4.31 -9.30
CA PRO A 88 35.75 4.55 -8.96
C PRO A 88 34.95 3.29 -8.68
N ARG A 89 35.59 2.12 -8.73
CA ARG A 89 34.94 0.89 -8.32
C ARG A 89 35.45 0.47 -6.95
N ARG A 90 36.16 1.37 -6.27
CA ARG A 90 36.53 1.16 -4.87
C ARG A 90 36.05 2.38 -4.02
N TYR A 91 35.77 2.12 -2.76
CA TYR A 91 35.24 3.18 -1.90
C TYR A 91 35.95 3.11 -0.54
N LEU A 92 35.95 4.25 0.15
CA LEU A 92 36.78 4.36 1.38
C LEU A 92 35.93 4.27 2.65
N VAL A 93 36.35 3.46 3.63
CA VAL A 93 35.65 3.41 4.90
C VAL A 93 36.74 3.53 5.94
N ASP A 94 36.66 4.54 6.81
CA ASP A 94 37.77 4.83 7.71
C ASP A 94 39.12 4.95 6.98
N GLY A 95 39.08 5.53 5.77
CA GLY A 95 40.30 5.81 5.04
C GLY A 95 40.87 4.62 4.28
N ARG A 96 40.19 3.46 4.40
CA ARG A 96 40.70 2.23 3.82
C ARG A 96 39.90 1.97 2.54
N SER A 97 40.61 1.70 1.46
CA SER A 97 39.96 1.44 0.19
C SER A 97 39.46 -0.02 0.03
N LEU A 98 38.16 -0.16 -0.21
CA LEU A 98 37.48 -1.46 -0.31
C LEU A 98 36.98 -1.62 -1.75
N PRO A 99 37.06 -2.86 -2.28
CA PRO A 99 36.47 -3.09 -3.61
C PRO A 99 34.97 -3.30 -3.56
N LEU A 100 34.26 -2.72 -4.52
CA LEU A 100 32.86 -3.17 -4.76
C LEU A 100 32.83 -4.63 -5.18
N GLU A 101 31.80 -5.34 -4.74
CA GLU A 101 31.56 -6.68 -5.26
C GLU A 101 30.73 -6.56 -6.56
N GLU A 102 30.93 -7.45 -7.51
CA GLU A 102 30.12 -7.38 -8.72
C GLU A 102 29.35 -8.71 -8.83
N LYS A 103 28.03 -8.68 -8.84
CA LYS A 103 27.24 -9.92 -8.95
C LYS A 103 26.55 -9.86 -10.32
N SER A 104 26.80 -10.79 -11.24
CA SER A 104 26.15 -10.67 -12.54
CA SER A 104 26.19 -10.68 -12.56
C SER A 104 24.92 -11.54 -12.58
N VAL A 105 23.85 -11.04 -13.25
CA VAL A 105 22.67 -11.87 -13.45
C VAL A 105 22.48 -12.03 -14.95
N ALA A 106 21.85 -13.13 -15.34
CA ALA A 106 21.65 -13.41 -16.75
C ALA A 106 20.14 -13.53 -17.01
N ILE A 107 19.68 -12.80 -18.03
CA ILE A 107 18.24 -12.74 -18.32
C ILE A 107 18.02 -13.21 -19.74
N GLU A 108 16.93 -13.95 -19.98
CA GLU A 108 16.59 -14.33 -21.37
C GLU A 108 15.60 -13.34 -21.92
N VAL A 109 15.82 -12.95 -23.19
CA VAL A 109 14.97 -11.94 -23.78
C VAL A 109 14.40 -12.45 -25.09
N ARG A 110 13.08 -12.39 -25.22
CA ARG A 110 12.44 -12.80 -26.50
C ARG A 110 12.50 -11.63 -27.50
N GLY A 111 13.08 -11.90 -28.66
CA GLY A 111 13.30 -10.87 -29.69
C GLY A 111 12.15 -10.72 -30.69
N ALA A 112 12.31 -9.74 -31.58
CA ALA A 112 11.34 -9.47 -32.66
C ALA A 112 11.14 -10.70 -33.52
N ASP A 113 12.21 -11.47 -33.70
CA ASP A 113 12.15 -12.71 -34.47
C ASP A 113 11.55 -13.90 -33.70
N GLY A 114 11.23 -13.70 -32.41
CA GLY A 114 10.73 -14.80 -31.57
C GLY A 114 11.78 -15.70 -30.88
N LYS A 115 13.05 -15.47 -31.17
CA LYS A 115 14.12 -16.28 -30.56
C LYS A 115 14.54 -15.65 -29.23
N LEU A 116 15.14 -16.48 -28.37
CA LEU A 116 15.66 -15.98 -27.10
C LEU A 116 17.11 -15.59 -27.25
N SER A 117 17.49 -14.50 -26.59
CA SER A 117 18.88 -14.11 -26.46
CA SER A 117 18.90 -14.18 -26.47
C SER A 117 19.19 -13.97 -25.00
N ARG A 118 20.44 -14.14 -24.64
CA ARG A 118 20.88 -14.02 -23.23
C ARG A 118 21.49 -12.62 -22.99
N VAL A 119 20.99 -11.91 -21.98
CA VAL A 119 21.56 -10.61 -21.61
C VAL A 119 22.20 -10.77 -20.23
N GLU A 120 23.46 -10.34 -20.05
CA GLU A 120 24.07 -10.38 -18.71
C GLU A 120 24.18 -8.96 -18.20
N HIS A 121 24.05 -8.83 -16.90
CA HIS A 121 24.06 -7.49 -16.28
C HIS A 121 24.77 -7.57 -14.95
N LYS A 122 25.67 -6.62 -14.70
CA LYS A 122 26.44 -6.50 -13.46
C LYS A 122 25.78 -5.67 -12.43
N VAL A 123 25.60 -6.22 -11.22
CA VAL A 123 25.03 -5.41 -10.11
C VAL A 123 26.18 -5.14 -9.12
N TYR A 124 26.59 -3.89 -9.00
CA TYR A 124 27.62 -3.54 -8.03
C TYR A 124 27.08 -3.38 -6.63
N GLN A 125 27.86 -3.92 -5.66
CA GLN A 125 27.43 -3.98 -4.27
CA GLN A 125 27.39 -3.91 -4.28
C GLN A 125 28.56 -3.51 -3.36
N SER A 126 28.19 -2.79 -2.33
CA SER A 126 29.09 -2.37 -1.24
C SER A 126 28.74 -3.21 -0.02
N ILE A 127 29.49 -2.98 1.08
CA ILE A 127 29.16 -3.61 2.35
C ILE A 127 27.78 -3.24 2.87
N TYR A 128 27.20 -2.14 2.35
CA TYR A 128 25.87 -1.67 2.78
C TYR A 128 24.73 -2.30 1.95
N GLY A 129 25.05 -2.64 0.70
CA GLY A 129 23.99 -2.99 -0.26
C GLY A 129 24.35 -2.49 -1.65
N PRO A 130 23.44 -2.68 -2.59
CA PRO A 130 23.73 -2.33 -4.00
C PRO A 130 23.79 -0.82 -4.21
N LEU A 131 24.52 -0.43 -5.23
CA LEU A 131 24.59 0.97 -5.60
C LEU A 131 23.33 1.38 -6.37
N VAL A 132 22.98 2.66 -6.27
CA VAL A 132 21.77 3.16 -6.97
C VAL A 132 22.14 4.48 -7.57
N VAL A 133 21.60 4.74 -8.75
CA VAL A 133 21.81 6.01 -9.45
CA VAL A 133 21.78 6.07 -9.30
C VAL A 133 20.47 6.70 -9.78
N TRP A 134 20.33 7.98 -9.40
CA TRP A 134 19.22 8.85 -9.80
C TRP A 134 19.87 10.03 -10.53
N PRO A 135 19.90 10.01 -11.86
CA PRO A 135 20.67 11.02 -12.59
C PRO A 135 20.31 12.42 -12.18
N GLY A 136 21.34 13.18 -11.81
CA GLY A 136 21.14 14.56 -11.41
C GLY A 136 20.91 14.75 -9.92
N LYS A 137 20.89 13.65 -9.15
CA LYS A 137 20.67 13.75 -7.69
C LYS A 137 21.57 12.76 -6.96
N LEU A 138 21.44 11.48 -7.31
CA LEU A 138 22.37 10.47 -6.76
C LEU A 138 23.23 9.90 -7.88
N ASP A 139 24.30 10.58 -8.22
CA ASP A 139 25.09 10.15 -9.37
C ASP A 139 26.16 9.13 -8.93
N TRP A 140 26.81 8.49 -9.89
CA TRP A 140 28.01 7.73 -9.57
C TRP A 140 29.08 8.39 -10.44
N ASN A 141 29.90 9.24 -9.79
CA ASN A 141 30.96 9.95 -10.55
C ASN A 141 32.31 9.51 -10.06
N ARG A 142 33.39 10.33 -10.21
CA ARG A 142 34.68 9.86 -9.71
C ARG A 142 34.91 10.17 -8.23
N SER A 143 33.95 10.88 -7.59
CA SER A 143 34.09 11.29 -6.19
C SER A 143 33.19 10.55 -5.24
N GLU A 144 31.97 10.29 -5.71
CA GLU A 144 30.95 9.71 -4.87
C GLU A 144 30.02 8.79 -5.61
N ALA A 145 29.44 7.89 -4.84
CA ALA A 145 28.30 7.08 -5.30
C ALA A 145 27.39 6.84 -4.11
N TYR A 146 26.25 6.16 -4.35
CA TYR A 146 25.29 5.93 -3.28
C TYR A 146 24.94 4.48 -3.22
N ALA A 147 24.95 3.90 -2.03
CA ALA A 147 24.49 2.50 -1.85
C ALA A 147 23.23 2.53 -0.97
N LEU A 148 22.42 1.47 -1.02
CA LEU A 148 21.15 1.46 -0.31
C LEU A 148 21.07 0.21 0.58
N ARG A 149 20.90 0.39 1.89
CA ARG A 149 20.70 -0.76 2.79
C ARG A 149 19.24 -0.88 3.16
N ASP A 150 18.58 -1.97 2.74
CA ASP A 150 17.14 -2.16 2.97
C ASP A 150 16.93 -3.03 4.22
N ALA A 151 16.21 -2.50 5.22
CA ALA A 151 16.13 -3.23 6.48
C ALA A 151 15.28 -4.48 6.35
N ASN A 152 14.40 -4.52 5.38
CA ASN A 152 13.55 -5.75 5.29
C ASN A 152 14.17 -6.88 4.47
N LEU A 153 15.32 -6.67 3.82
CA LEU A 153 15.96 -7.81 3.19
C LEU A 153 16.30 -8.94 4.14
N GLU A 154 16.59 -8.64 5.40
CA GLU A 154 16.84 -9.72 6.36
C GLU A 154 15.60 -10.02 7.28
N ASN A 155 14.48 -9.48 6.91
CA ASN A 155 13.25 -9.74 7.68
C ASN A 155 12.63 -11.05 7.17
N THR A 156 13.15 -12.16 7.72
CA THR A 156 12.56 -13.45 7.38
C THR A 156 11.32 -13.79 8.23
N ARG A 157 10.84 -12.82 8.99
CA ARG A 157 9.78 -13.04 9.98
C ARG A 157 8.40 -12.60 9.48
N VAL A 158 8.36 -12.07 8.26
CA VAL A 158 7.15 -11.41 7.79
C VAL A 158 5.93 -12.34 7.68
N LEU A 159 6.09 -13.56 7.14
CA LEU A 159 4.91 -14.44 7.09
C LEU A 159 4.52 -14.92 8.49
N GLN A 160 5.53 -15.29 9.30
CA GLN A 160 5.28 -15.67 10.65
C GLN A 160 4.51 -14.58 11.39
N GLN A 161 4.83 -13.31 11.09
CA GLN A 161 4.18 -12.24 11.82
C GLN A 161 2.68 -12.13 11.59
N TRP A 162 2.26 -12.35 10.35
CA TRP A 162 0.82 -12.33 10.13
C TRP A 162 0.19 -13.65 10.54
N TYR A 163 0.90 -14.76 10.42
CA TYR A 163 0.36 -16.01 11.02
C TYR A 163 0.05 -15.78 12.51
N SER A 164 0.96 -15.07 13.21
CA SER A 164 0.74 -14.82 14.62
C SER A 164 -0.37 -13.83 14.87
N ILE A 165 -0.40 -12.75 14.07
CA ILE A 165 -1.51 -11.82 14.17
C ILE A 165 -2.86 -12.55 13.96
N ASN A 166 -2.88 -13.49 13.02
CA ASN A 166 -4.13 -14.23 12.77
C ASN A 166 -4.62 -15.06 13.97
N GLN A 167 -3.70 -15.36 14.91
CA GLN A 167 -4.03 -16.11 16.13
C GLN A 167 -4.34 -15.22 17.34
N ALA A 168 -4.20 -13.88 17.17
CA ALA A 168 -4.32 -12.99 18.34
C ALA A 168 -5.75 -12.96 18.89
N SER A 169 -5.87 -12.89 20.23
CA SER A 169 -7.18 -12.86 20.84
C SER A 169 -7.76 -11.46 21.01
N ASP A 170 -6.97 -10.53 21.51
CA ASP A 170 -7.47 -9.19 21.80
C ASP A 170 -6.34 -8.24 21.58
N VAL A 171 -6.54 -6.97 21.92
CA VAL A 171 -5.57 -5.93 21.56
C VAL A 171 -4.27 -6.11 22.36
N ALA A 172 -4.35 -6.52 23.63
CA ALA A 172 -3.12 -6.75 24.41
C ALA A 172 -2.32 -7.87 23.76
N ASP A 173 -3.00 -8.92 23.32
CA ASP A 173 -2.33 -10.07 22.74
C ASP A 173 -1.70 -9.69 21.36
N LEU A 174 -2.42 -8.91 20.58
CA LEU A 174 -1.91 -8.46 19.28
C LEU A 174 -0.63 -7.64 19.52
N ARG A 175 -0.67 -6.76 20.53
CA ARG A 175 0.51 -5.92 20.77
C ARG A 175 1.72 -6.76 21.21
N ARG A 176 1.51 -7.73 22.08
CA ARG A 176 2.60 -8.65 22.49
C ARG A 176 3.17 -9.38 21.28
N ARG A 177 2.28 -9.86 20.39
CA ARG A 177 2.72 -10.69 19.27
C ARG A 177 3.53 -9.90 18.25
N VAL A 178 3.18 -8.62 18.06
CA VAL A 178 3.88 -7.81 17.10
C VAL A 178 5.17 -7.31 17.72
N GLU A 179 5.12 -6.91 18.97
CA GLU A 179 6.36 -6.40 19.61
C GLU A 179 7.39 -7.52 19.79
N ALA A 180 6.91 -8.77 19.90
CA ALA A 180 7.81 -9.88 20.14
C ALA A 180 8.59 -10.24 18.87
N LEU A 181 7.91 -10.25 17.73
CA LEU A 181 8.54 -10.75 16.50
C LEU A 181 9.10 -9.63 15.58
N GLN A 182 8.48 -8.44 15.64
CA GLN A 182 8.88 -7.30 14.82
C GLN A 182 9.09 -7.73 13.35
N GLY A 183 8.05 -8.35 12.82
CA GLY A 183 8.13 -8.78 11.43
C GLY A 183 7.33 -7.92 10.46
N ILE A 184 6.69 -6.85 10.95
CA ILE A 184 5.89 -5.99 10.03
C ILE A 184 6.79 -5.09 9.19
N PRO A 185 6.74 -5.20 7.85
CA PRO A 185 7.76 -4.47 7.07
C PRO A 185 7.56 -2.96 6.98
N TRP A 186 6.38 -2.45 6.68
CA TRP A 186 6.33 -1.03 6.34
C TRP A 186 4.94 -0.39 6.57
N VAL A 187 4.16 -0.95 7.51
CA VAL A 187 2.86 -0.37 7.88
C VAL A 187 2.71 -0.15 9.39
N ASN A 188 1.89 0.85 9.70
CA ASN A 188 1.25 0.98 11.02
C ASN A 188 0.20 -0.12 11.22
N THR A 189 -0.15 -0.37 12.48
CA THR A 189 -1.17 -1.32 12.83
C THR A 189 -2.15 -0.60 13.70
N LEU A 190 -3.44 -0.71 13.35
CA LEU A 190 -4.49 -0.14 14.23
C LEU A 190 -5.51 -1.25 14.50
N ALA A 191 -6.04 -1.29 15.72
CA ALA A 191 -6.91 -2.39 16.13
C ALA A 191 -7.88 -1.99 17.21
N ALA A 192 -8.98 -2.70 17.31
CA ALA A 192 -9.91 -2.51 18.42
C ALA A 192 -10.34 -3.89 18.86
N ASP A 193 -10.72 -4.01 20.12
CA ASP A 193 -11.30 -5.27 20.57
C ASP A 193 -12.65 -5.10 21.25
N GLU A 194 -13.29 -6.22 21.50
CA GLU A 194 -14.61 -6.22 22.07
C GLU A 194 -14.66 -5.48 23.42
N GLN A 195 -13.60 -5.59 24.20
CA GLN A 195 -13.54 -4.99 25.54
C GLN A 195 -13.46 -3.46 25.44
N GLY A 196 -13.13 -2.94 24.27
CA GLY A 196 -13.18 -1.51 24.06
C GLY A 196 -11.83 -0.80 24.09
N ASN A 197 -10.77 -1.56 23.82
CA ASN A 197 -9.43 -0.95 23.69
C ASN A 197 -9.22 -0.55 22.24
N ALA A 198 -8.65 0.65 22.02
CA ALA A 198 -8.24 1.10 20.71
C ALA A 198 -6.70 1.25 20.67
N LEU A 199 -6.07 0.60 19.70
CA LEU A 199 -4.61 0.56 19.65
C LEU A 199 -4.04 1.12 18.36
N TYR A 200 -2.97 1.92 18.51
CA TYR A 200 -2.19 2.33 17.34
C TYR A 200 -0.75 1.88 17.60
N MET A 201 -0.12 1.24 16.60
CA MET A 201 1.31 0.87 16.71
C MET A 201 2.00 1.32 15.44
N ASN A 202 3.14 2.01 15.61
CA ASN A 202 3.99 2.29 14.47
C ASN A 202 5.13 1.26 14.62
N GLN A 203 4.77 -0.01 14.60
CA GLN A 203 5.70 -1.13 14.92
C GLN A 203 6.07 -1.86 13.66
N SER A 204 7.15 -1.41 13.05
CA SER A 204 7.58 -1.96 11.79
C SER A 204 9.13 -2.06 11.88
N VAL A 205 9.75 -2.40 10.74
CA VAL A 205 11.17 -2.71 10.70
C VAL A 205 11.88 -1.47 10.21
N VAL A 206 12.63 -0.83 11.12
CA VAL A 206 13.13 0.52 10.87
C VAL A 206 14.60 0.51 11.24
N PRO A 207 15.47 0.98 10.34
CA PRO A 207 16.91 1.08 10.73
C PRO A 207 17.15 1.87 12.02
N TYR A 208 18.03 1.37 12.87
CA TYR A 208 18.28 1.97 14.15
C TYR A 208 19.60 2.74 14.22
N LEU A 209 19.50 4.01 14.55
CA LEU A 209 20.71 4.79 14.94
C LEU A 209 20.50 5.34 16.34
N LYS A 210 21.47 5.18 17.20
CA LYS A 210 21.43 5.79 18.53
C LYS A 210 21.35 7.30 18.39
N PRO A 211 20.70 7.97 19.35
CA PRO A 211 20.36 9.38 19.16
C PRO A 211 21.57 10.27 18.85
N GLU A 212 22.71 9.98 19.47
CA GLU A 212 23.90 10.81 19.21
C GLU A 212 24.44 10.63 17.79
N LEU A 213 24.12 9.52 17.13
CA LEU A 213 24.63 9.32 15.78
C LEU A 213 23.84 10.05 14.75
N ILE A 214 22.60 10.39 15.08
CA ILE A 214 21.70 10.86 14.01
C ILE A 214 22.20 12.16 13.42
N PRO A 215 22.50 13.18 14.25
CA PRO A 215 23.01 14.37 13.56
C PRO A 215 24.42 14.15 12.96
N ALA A 216 25.26 13.35 13.61
CA ALA A 216 26.61 13.07 13.11
C ALA A 216 26.60 12.35 11.75
N CYS A 217 25.68 11.41 11.58
CA CYS A 217 25.74 10.54 10.40
C CYS A 217 24.94 11.04 9.22
N ALA A 218 24.04 11.98 9.46
CA ALA A 218 23.14 12.43 8.35
C ALA A 218 23.89 13.17 7.26
N ILE A 219 23.42 13.02 6.01
CA ILE A 219 23.81 13.93 4.91
C ILE A 219 22.78 15.10 4.91
N PRO A 220 23.14 16.30 5.34
CA PRO A 220 22.10 17.27 5.72
C PRO A 220 21.16 17.69 4.57
N GLN A 221 21.76 17.97 3.43
CA GLN A 221 21.00 18.41 2.23
C GLN A 221 20.02 17.33 1.76
N LEU A 222 20.43 16.07 1.80
CA LEU A 222 19.52 15.01 1.37
C LEU A 222 18.43 14.67 2.39
N VAL A 223 18.79 14.70 3.67
CA VAL A 223 17.80 14.47 4.68
C VAL A 223 16.76 15.60 4.61
N ALA A 224 17.21 16.82 4.31
CA ALA A 224 16.30 17.97 4.17
C ALA A 224 15.32 17.71 3.03
N GLU A 225 15.72 16.95 2.03
CA GLU A 225 14.82 16.55 0.95
C GLU A 225 14.03 15.26 1.20
N GLY A 226 14.05 14.77 2.43
CA GLY A 226 13.34 13.55 2.77
C GLY A 226 14.03 12.20 2.54
N LEU A 227 15.31 12.20 2.19
CA LEU A 227 15.98 10.93 1.92
C LEU A 227 16.75 10.55 3.17
N PRO A 228 16.67 9.30 3.62
CA PRO A 228 17.40 8.85 4.82
C PRO A 228 18.87 8.54 4.49
N ALA A 229 19.68 9.58 4.27
CA ALA A 229 21.00 9.41 3.72
C ALA A 229 22.07 9.62 4.83
N LEU A 230 23.05 8.71 4.85
CA LEU A 230 24.10 8.66 5.87
C LEU A 230 25.47 8.73 5.28
N GLN A 231 26.42 9.06 6.15
CA GLN A 231 27.84 9.14 5.73
C GLN A 231 28.40 7.71 5.64
N GLY A 232 28.65 7.25 4.43
CA GLY A 232 29.09 5.86 4.24
C GLY A 232 30.60 5.68 4.23
N GLN A 233 31.35 6.75 4.56
CA GLN A 233 32.81 6.64 4.63
C GLN A 233 33.27 6.46 6.09
N ASP A 234 32.32 6.33 7.02
CA ASP A 234 32.65 6.38 8.49
C ASP A 234 32.02 5.10 9.05
N SER A 235 32.85 4.18 9.57
CA SER A 235 32.25 2.94 10.08
C SER A 235 31.32 3.11 11.28
N ARG A 236 31.40 4.25 11.92
CA ARG A 236 30.55 4.54 13.06
C ARG A 236 29.12 4.81 12.64
N CYS A 237 28.90 4.95 11.32
CA CYS A 237 27.54 5.19 10.81
C CYS A 237 26.83 3.90 10.42
N ALA A 238 27.39 2.75 10.79
CA ALA A 238 26.64 1.46 10.70
C ALA A 238 25.41 1.51 11.57
N TRP A 239 24.32 0.85 11.14
CA TRP A 239 23.14 0.84 12.03
C TRP A 239 23.54 0.27 13.41
N SER A 240 22.94 0.88 14.42
CA SER A 240 23.24 0.50 15.79
C SER A 240 22.70 -0.86 16.20
N ARG A 241 23.40 -1.55 17.13
CA ARG A 241 22.97 -2.87 17.63
C ARG A 241 22.33 -2.74 19.01
N ASP A 242 21.27 -3.52 19.26
CA ASP A 242 20.64 -3.51 20.58
C ASP A 242 20.10 -4.92 20.71
N PRO A 243 20.49 -5.66 21.77
CA PRO A 243 20.11 -7.07 21.92
C PRO A 243 18.60 -7.24 21.96
N ALA A 244 17.87 -6.17 22.30
CA ALA A 244 16.41 -6.30 22.41
C ALA A 244 15.76 -6.33 21.05
N ALA A 245 16.46 -5.87 20.04
CA ALA A 245 15.80 -5.88 18.69
C ALA A 245 15.74 -7.28 18.09
N ALA A 246 14.68 -7.56 17.33
CA ALA A 246 14.54 -8.92 16.80
C ALA A 246 15.48 -9.21 15.64
N GLN A 247 16.12 -8.15 15.10
CA GLN A 247 16.95 -8.31 13.95
C GLN A 247 18.10 -7.34 14.10
N ALA A 248 19.29 -7.77 13.68
CA ALA A 248 20.47 -6.93 13.85
C ALA A 248 20.30 -5.61 13.09
N GLY A 249 20.41 -4.51 13.85
CA GLY A 249 20.46 -3.19 13.27
C GLY A 249 19.10 -2.53 13.12
N ILE A 250 18.02 -3.20 13.57
CA ILE A 250 16.72 -2.51 13.55
C ILE A 250 16.31 -1.97 14.91
N THR A 251 15.33 -1.09 14.89
CA THR A 251 14.95 -0.38 16.13
C THR A 251 14.20 -1.28 17.08
N PRO A 252 14.63 -1.36 18.34
CA PRO A 252 13.89 -2.21 19.29
C PRO A 252 12.45 -1.70 19.45
N ALA A 253 11.56 -2.64 19.73
CA ALA A 253 10.14 -2.34 19.85
C ALA A 253 9.81 -1.30 20.88
N ALA A 254 10.50 -1.24 22.04
CA ALA A 254 10.18 -0.21 23.02
C ALA A 254 10.45 1.23 22.58
N GLN A 255 11.21 1.41 21.51
CA GLN A 255 11.51 2.75 21.01
C GLN A 255 10.62 3.18 19.86
N LEU A 256 9.59 2.37 19.55
CA LEU A 256 8.68 2.73 18.48
C LEU A 256 7.32 3.14 19.02
N PRO A 257 6.65 4.08 18.35
CA PRO A 257 5.40 4.67 18.89
C PRO A 257 4.27 3.67 19.07
N VAL A 258 3.65 3.72 20.26
CA VAL A 258 2.44 2.94 20.52
C VAL A 258 1.49 3.84 21.31
N LEU A 259 0.19 3.79 21.00
CA LEU A 259 -0.81 4.50 21.77
C LEU A 259 -1.94 3.55 22.03
N LEU A 260 -2.29 3.39 23.31
CA LEU A 260 -3.41 2.51 23.68
C LEU A 260 -4.44 3.38 24.40
N ARG A 261 -5.63 3.53 23.80
CA ARG A 261 -6.64 4.45 24.29
C ARG A 261 -7.95 3.74 24.49
N ARG A 262 -8.88 4.44 25.13
CA ARG A 262 -10.26 3.95 25.12
C ARG A 262 -11.19 4.92 24.39
N ASP A 263 -10.64 6.02 23.83
CA ASP A 263 -11.48 6.90 23.04
C ASP A 263 -11.29 6.64 21.53
N PHE A 264 -10.19 7.07 20.92
CA PHE A 264 -9.96 6.66 19.53
C PHE A 264 -8.49 6.82 19.17
N VAL A 265 -8.11 6.21 18.06
CA VAL A 265 -6.82 6.44 17.40
C VAL A 265 -7.15 6.44 15.91
N GLN A 266 -6.39 7.22 15.14
CA GLN A 266 -6.61 7.21 13.69
C GLN A 266 -5.30 7.40 12.96
N ASN A 267 -5.27 7.01 11.68
CA ASN A 267 -4.12 7.36 10.84
C ASN A 267 -4.53 7.37 9.40
N SER A 268 -4.03 8.39 8.70
CA SER A 268 -4.20 8.49 7.25
C SER A 268 -2.86 8.77 6.58
N ASN A 269 -1.83 8.02 6.98
CA ASN A 269 -0.48 8.03 6.38
C ASN A 269 0.38 9.23 6.77
N ASP A 270 -0.04 9.97 7.79
CA ASP A 270 0.91 10.89 8.40
C ASP A 270 1.71 10.13 9.45
N SER A 271 2.62 10.82 10.10
CA SER A 271 3.42 10.19 11.15
C SER A 271 2.57 9.85 12.38
N ALA A 272 3.18 9.19 13.37
CA ALA A 272 2.49 8.91 14.62
C ALA A 272 1.99 10.10 15.39
N TRP A 273 2.50 11.29 15.05
CA TRP A 273 2.39 12.46 15.92
C TRP A 273 0.94 12.71 16.42
N LEU A 274 -0.02 12.85 15.49
CA LEU A 274 -1.36 13.28 15.90
C LEU A 274 -2.38 12.15 15.78
N THR A 275 -1.90 10.93 16.03
CA THR A 275 -2.78 9.77 16.11
C THR A 275 -4.01 10.04 16.93
N ASN A 276 -3.79 10.65 18.12
CA ASN A 276 -4.88 11.26 18.85
C ASN A 276 -4.29 12.51 19.47
N PRO A 277 -4.77 13.67 19.02
CA PRO A 277 -4.17 14.96 19.46
C PRO A 277 -4.25 15.18 20.94
N ALA A 278 -5.06 14.43 21.68
CA ALA A 278 -5.11 14.60 23.12
C ALA A 278 -3.84 14.02 23.74
N SER A 279 -3.14 13.15 23.02
CA SER A 279 -1.90 12.54 23.52
C SER A 279 -0.85 12.44 22.40
N PRO A 280 -0.26 13.60 22.01
CA PRO A 280 0.68 13.61 20.88
C PRO A 280 1.85 12.68 21.11
N LEU A 281 2.29 12.03 20.06
CA LEU A 281 3.42 11.13 20.13
C LEU A 281 4.64 11.90 19.63
N GLN A 282 5.63 12.13 20.51
CA GLN A 282 6.74 12.99 20.10
C GLN A 282 8.04 12.35 20.65
N GLY A 283 9.18 12.85 20.19
CA GLY A 283 10.47 12.48 20.76
C GLY A 283 11.12 11.22 20.24
N PHE A 284 10.65 10.78 19.06
CA PHE A 284 11.20 9.61 18.40
C PHE A 284 12.28 10.04 17.43
N SER A 285 13.06 9.05 16.99
CA SER A 285 14.06 9.22 15.95
C SER A 285 13.39 9.81 14.73
N PRO A 286 14.11 10.65 14.00
CA PRO A 286 13.47 11.11 12.76
C PRO A 286 13.32 10.01 11.70
N LEU A 287 13.98 8.85 11.88
CA LEU A 287 13.81 7.72 10.95
C LEU A 287 12.47 7.09 11.26
N VAL A 288 11.90 7.43 12.40
CA VAL A 288 10.69 6.72 12.88
C VAL A 288 9.44 7.56 12.75
N SER A 289 9.45 8.77 13.35
CA SER A 289 8.27 9.63 13.33
C SER A 289 8.72 11.09 13.55
N GLN A 290 8.24 11.96 12.70
CA GLN A 290 8.46 13.43 12.85
C GLN A 290 7.17 14.22 12.98
N GLU A 291 7.26 15.41 13.61
CA GLU A 291 6.10 16.27 13.76
CA GLU A 291 6.08 16.29 13.74
C GLU A 291 5.90 17.15 12.51
N LYS A 292 5.29 16.60 11.48
CA LYS A 292 5.05 17.33 10.22
C LYS A 292 3.57 17.69 10.11
N PRO A 293 3.26 18.74 9.35
CA PRO A 293 1.86 19.07 9.12
C PRO A 293 1.05 17.88 8.58
N ILE A 294 -0.11 17.62 9.14
CA ILE A 294 -0.86 16.46 8.66
C ILE A 294 -1.60 16.79 7.37
N GLY A 295 -1.85 15.76 6.57
CA GLY A 295 -2.57 15.93 5.32
C GLY A 295 -4.07 16.04 5.50
N PRO A 296 -4.80 16.38 4.43
CA PRO A 296 -6.21 16.71 4.54
C PRO A 296 -7.07 15.52 4.90
N ARG A 297 -6.67 14.29 4.57
CA ARG A 297 -7.52 13.18 5.03
C ARG A 297 -7.52 13.04 6.55
N ALA A 298 -6.35 13.17 7.17
CA ALA A 298 -6.34 13.07 8.63
C ALA A 298 -7.00 14.29 9.26
N ARG A 299 -6.80 15.47 8.67
CA ARG A 299 -7.49 16.64 9.19
C ARG A 299 -9.00 16.46 9.08
N TYR A 300 -9.47 15.92 7.95
CA TYR A 300 -10.87 15.54 7.85
C TYR A 300 -11.32 14.58 8.99
N ALA A 301 -10.66 13.44 9.12
CA ALA A 301 -11.02 12.47 10.15
C ALA A 301 -11.06 13.10 11.55
N LEU A 302 -10.01 13.81 11.93
CA LEU A 302 -9.99 14.44 13.27
C LEU A 302 -11.13 15.47 13.44
N SER A 303 -11.50 16.17 12.36
CA SER A 303 -12.65 17.11 12.43
C SER A 303 -13.97 16.37 12.74
N ARG A 304 -14.08 15.08 12.36
CA ARG A 304 -15.29 14.34 12.64
C ARG A 304 -15.22 13.60 13.97
N LEU A 305 -14.01 13.29 14.43
CA LEU A 305 -13.78 12.44 15.61
C LEU A 305 -13.65 13.20 16.90
N GLN A 306 -13.19 14.44 16.83
CA GLN A 306 -12.89 15.12 18.09
C GLN A 306 -14.17 15.58 18.75
N GLY A 307 -14.17 15.75 20.05
CA GLY A 307 -15.41 16.07 20.72
C GLY A 307 -15.94 14.96 21.60
N LYS A 308 -17.18 15.11 22.05
CA LYS A 308 -17.75 14.25 23.10
C LYS A 308 -18.86 13.31 22.65
N GLN A 309 -19.32 13.41 21.41
CA GLN A 309 -20.50 12.64 21.05
C GLN A 309 -20.12 11.20 20.71
N PRO A 310 -20.98 10.24 21.05
CA PRO A 310 -20.69 8.83 20.76
C PRO A 310 -20.59 8.61 19.26
N LEU A 311 -19.70 7.70 18.87
CA LEU A 311 -19.54 7.36 17.47
C LEU A 311 -20.28 6.07 17.19
N GLU A 312 -21.13 6.10 16.16
CA GLU A 312 -21.83 4.91 15.66
C GLU A 312 -21.13 4.30 14.45
N ALA A 313 -21.37 3.00 14.20
CA ALA A 313 -20.83 2.40 12.96
C ALA A 313 -21.24 3.26 11.74
N LYS A 314 -22.47 3.73 11.74
CA LYS A 314 -22.94 4.48 10.59
C LYS A 314 -22.10 5.74 10.41
N THR A 315 -21.68 6.34 11.52
CA THR A 315 -20.85 7.53 11.42
C THR A 315 -19.57 7.25 10.68
N LEU A 316 -18.94 6.11 10.97
CA LEU A 316 -17.65 5.81 10.33
C LEU A 316 -17.86 5.42 8.86
N GLU A 317 -18.96 4.69 8.61
CA GLU A 317 -19.27 4.33 7.23
C GLU A 317 -19.44 5.59 6.37
N GLU A 318 -20.18 6.56 6.91
CA GLU A 318 -20.50 7.76 6.14
C GLU A 318 -19.30 8.68 5.99
N MET A 319 -18.29 8.56 6.86
CA MET A 319 -17.04 9.27 6.59
C MET A 319 -16.43 8.83 5.27
N VAL A 320 -16.62 7.56 4.93
CA VAL A 320 -16.16 7.08 3.65
C VAL A 320 -17.17 7.40 2.53
N THR A 321 -18.44 7.09 2.73
CA THR A 321 -19.37 7.20 1.60
C THR A 321 -19.82 8.62 1.30
N ALA A 322 -19.52 9.58 2.19
CA ALA A 322 -19.86 10.99 1.86
C ALA A 322 -19.07 11.55 0.69
N ASN A 323 -17.87 11.02 0.40
CA ASN A 323 -16.99 11.50 -0.65
C ASN A 323 -16.73 13.00 -0.55
N HIS A 324 -16.60 13.49 0.67
CA HIS A 324 -16.48 14.94 0.83
C HIS A 324 -15.07 15.33 0.45
N VAL A 325 -14.94 16.37 -0.38
CA VAL A 325 -13.64 16.87 -0.77
C VAL A 325 -13.17 17.87 0.29
N PHE A 326 -12.51 17.37 1.34
CA PHE A 326 -12.25 18.25 2.49
C PHE A 326 -11.33 19.46 2.18
N SER A 327 -10.48 19.34 1.18
CA SER A 327 -9.62 20.48 0.79
C SER A 327 -10.48 21.65 0.37
N ALA A 328 -11.68 21.38 -0.13
CA ALA A 328 -12.56 22.51 -0.46
C ALA A 328 -12.91 23.36 0.76
N ASP A 329 -12.97 22.77 1.95
CA ASP A 329 -13.29 23.54 3.16
C ASP A 329 -12.24 24.63 3.40
N GLN A 330 -11.00 24.36 3.02
CA GLN A 330 -9.93 25.34 3.23
C GLN A 330 -9.84 26.44 2.19
N VAL A 331 -10.33 26.18 0.97
CA VAL A 331 -10.06 27.14 -0.09
C VAL A 331 -11.31 27.62 -0.82
N LEU A 332 -12.32 26.76 -0.95
CA LEU A 332 -13.51 27.14 -1.73
C LEU A 332 -14.25 28.41 -1.19
N PRO A 333 -14.37 28.60 0.14
CA PRO A 333 -15.07 29.85 0.54
C PRO A 333 -14.42 31.16 0.03
N ASP A 334 -13.09 31.26 0.11
CA ASP A 334 -12.40 32.45 -0.41
C ASP A 334 -12.33 32.43 -1.94
N LEU A 335 -12.20 31.24 -2.53
CA LEU A 335 -12.25 31.20 -3.99
C LEU A 335 -13.59 31.76 -4.54
N LEU A 336 -14.71 31.38 -3.92
CA LEU A 336 -16.03 31.88 -4.36
C LEU A 336 -16.15 33.37 -4.15
N ARG A 337 -15.49 33.91 -3.14
CA ARG A 337 -15.53 35.35 -2.91
C ARG A 337 -14.78 36.05 -4.04
N LEU A 338 -13.67 35.46 -4.46
CA LEU A 338 -12.92 35.99 -5.60
C LEU A 338 -13.77 35.94 -6.88
N CYS A 339 -14.51 34.84 -7.10
CA CYS A 339 -15.47 34.78 -8.21
C CYS A 339 -16.49 35.92 -8.19
N ARG A 340 -17.04 36.21 -7.00
CA ARG A 340 -18.03 37.28 -6.90
C ARG A 340 -17.39 38.65 -7.21
N ASP A 341 -16.12 38.81 -6.86
CA ASP A 341 -15.37 40.05 -7.15
C ASP A 341 -15.03 40.23 -8.63
N ASN A 342 -15.29 39.22 -9.43
CA ASN A 342 -14.89 39.26 -10.84
C ASN A 342 -16.01 38.83 -11.78
N GLN A 343 -17.23 39.27 -11.51
CA GLN A 343 -18.37 38.77 -12.28
C GLN A 343 -18.35 39.31 -13.71
N GLY A 344 -17.49 40.28 -13.97
CA GLY A 344 -17.35 40.84 -15.28
C GLY A 344 -16.35 40.12 -16.16
N GLU A 345 -15.57 39.20 -15.58
CA GLU A 345 -14.54 38.49 -16.35
C GLU A 345 -15.16 37.27 -16.99
N LYS A 346 -15.42 37.40 -18.29
CA LYS A 346 -16.11 36.39 -19.06
C LYS A 346 -15.37 35.06 -19.02
N SER A 347 -14.04 35.11 -18.99
CA SER A 347 -13.27 33.87 -18.98
C SER A 347 -13.50 33.06 -17.71
N LEU A 348 -14.05 33.65 -16.67
CA LEU A 348 -14.19 32.92 -15.40
C LEU A 348 -15.60 32.44 -15.12
N ALA A 349 -16.55 32.93 -15.90
CA ALA A 349 -17.97 32.75 -15.62
C ALA A 349 -18.37 31.28 -15.49
N ARG A 350 -17.88 30.44 -16.40
CA ARG A 350 -18.32 29.06 -16.34
C ARG A 350 -17.71 28.34 -15.14
N ALA A 351 -16.45 28.62 -14.84
CA ALA A 351 -15.84 27.97 -13.68
C ALA A 351 -16.51 28.46 -12.40
N CYS A 352 -16.77 29.76 -12.30
CA CYS A 352 -17.35 30.27 -11.07
C CYS A 352 -18.75 29.65 -10.87
N ALA A 353 -19.51 29.51 -11.95
CA ALA A 353 -20.85 28.95 -11.85
C ALA A 353 -20.80 27.46 -11.46
N ALA A 354 -19.87 26.73 -12.06
CA ALA A 354 -19.67 25.32 -11.69
C ALA A 354 -19.24 25.16 -10.24
N LEU A 355 -18.34 26.01 -9.79
CA LEU A 355 -17.82 25.90 -8.43
C LEU A 355 -18.90 26.23 -7.40
N ALA A 356 -19.76 27.20 -7.74
CA ALA A 356 -20.84 27.66 -6.88
C ALA A 356 -21.92 26.58 -6.72
N GLN A 357 -22.19 25.87 -7.82
CA GLN A 357 -23.23 24.81 -7.88
C GLN A 357 -22.80 23.56 -7.13
N TRP A 358 -21.49 23.34 -7.07
CA TRP A 358 -20.89 22.06 -6.68
C TRP A 358 -21.26 21.63 -5.25
N ASP A 359 -21.54 20.33 -5.05
CA ASP A 359 -21.89 19.77 -3.73
C ASP A 359 -20.67 19.51 -2.85
N ARG A 360 -19.51 19.94 -3.33
CA ARG A 360 -18.19 19.84 -2.66
C ARG A 360 -17.79 18.37 -2.44
N GLY A 361 -18.28 17.51 -3.31
CA GLY A 361 -18.03 16.10 -3.18
C GLY A 361 -17.49 15.47 -4.44
N ALA A 362 -17.15 14.18 -4.31
CA ALA A 362 -16.70 13.36 -5.42
C ALA A 362 -17.67 12.18 -5.55
N ASN A 363 -18.96 12.48 -5.45
CA ASN A 363 -20.04 11.52 -5.74
C ASN A 363 -20.24 11.30 -7.24
N LEU A 364 -20.91 10.20 -7.60
CA LEU A 364 -21.21 9.96 -9.01
C LEU A 364 -21.92 11.16 -9.64
N ASP A 365 -22.81 11.82 -8.88
CA ASP A 365 -23.63 12.90 -9.45
C ASP A 365 -23.01 14.30 -9.22
N SER A 366 -21.83 14.33 -8.58
CA SER A 366 -21.18 15.63 -8.41
C SER A 366 -20.88 16.28 -9.77
N GLY A 367 -21.10 17.60 -9.85
CA GLY A 367 -20.94 18.31 -11.10
C GLY A 367 -19.51 18.69 -11.42
N SER A 368 -19.32 19.31 -12.59
CA SER A 368 -18.00 19.67 -13.07
C SER A 368 -17.22 20.63 -12.16
N GLY A 369 -17.87 21.25 -11.19
CA GLY A 369 -17.14 22.00 -10.18
C GLY A 369 -16.00 21.19 -9.56
N PHE A 370 -16.15 19.88 -9.40
CA PHE A 370 -15.06 19.07 -8.83
C PHE A 370 -13.84 19.11 -9.75
N VAL A 371 -14.05 18.96 -11.05
CA VAL A 371 -12.95 19.00 -11.98
C VAL A 371 -12.28 20.39 -12.04
N TYR A 372 -13.06 21.45 -12.08
CA TYR A 372 -12.47 22.79 -12.01
C TYR A 372 -11.66 22.94 -10.74
N PHE A 373 -12.18 22.43 -9.63
CA PHE A 373 -11.50 22.58 -8.35
C PHE A 373 -10.16 21.85 -8.31
N GLN A 374 -10.13 20.63 -8.83
CA GLN A 374 -8.89 19.88 -8.92
C GLN A 374 -7.83 20.59 -9.72
N ARG A 375 -8.22 21.11 -10.90
CA ARG A 375 -7.23 21.74 -11.73
C ARG A 375 -6.78 23.07 -11.09
N PHE A 376 -7.70 23.75 -10.41
CA PHE A 376 -7.31 24.96 -9.71
C PHE A 376 -6.32 24.61 -8.61
N MET A 377 -6.62 23.55 -7.86
CA MET A 377 -5.80 23.18 -6.71
C MET A 377 -4.38 22.80 -7.16
N GLN A 378 -4.26 22.18 -8.34
CA GLN A 378 -2.94 21.79 -8.84
C GLN A 378 -2.10 23.03 -9.10
N ARG A 379 -2.74 24.15 -9.42
CA ARG A 379 -2.00 25.38 -9.60
C ARG A 379 -1.80 26.15 -8.28
N PHE A 380 -2.84 26.15 -7.45
CA PHE A 380 -2.77 26.78 -6.14
C PHE A 380 -1.56 26.26 -5.35
N ALA A 381 -1.34 24.96 -5.44
CA ALA A 381 -0.21 24.28 -4.80
C ALA A 381 1.15 24.87 -5.16
N GLU A 382 1.29 25.42 -6.36
CA GLU A 382 2.57 25.99 -6.80
C GLU A 382 2.78 27.44 -6.38
N LEU A 383 1.73 28.09 -5.89
CA LEU A 383 1.88 29.48 -5.53
C LEU A 383 2.62 29.56 -4.19
N ASP A 384 3.29 30.70 -3.95
CA ASP A 384 3.99 30.91 -2.68
C ASP A 384 3.29 31.93 -1.80
N GLY A 385 3.10 31.57 -0.53
CA GLY A 385 2.54 32.49 0.46
C GLY A 385 1.11 32.91 0.20
N ALA A 386 0.31 31.99 -0.38
CA ALA A 386 -1.07 32.27 -0.77
C ALA A 386 -2.14 31.92 0.30
N TRP A 387 -1.78 31.07 1.26
CA TRP A 387 -2.64 30.79 2.42
C TRP A 387 -2.87 32.01 3.29
N LYS A 388 -4.13 32.28 3.63
CA LYS A 388 -4.42 33.35 4.58
C LYS A 388 -3.90 33.00 5.96
N GLU A 389 -4.08 31.75 6.36
CA GLU A 389 -3.51 31.27 7.61
C GLU A 389 -2.58 30.16 7.25
N PRO A 390 -1.28 30.42 7.32
CA PRO A 390 -0.31 29.39 6.95
C PRO A 390 -0.27 28.30 8.03
N PHE A 391 0.39 27.16 7.76
CA PHE A 391 0.51 26.14 8.79
C PHE A 391 1.08 26.73 10.06
N ASP A 392 0.39 26.49 11.16
CA ASP A 392 0.75 26.92 12.50
C ASP A 392 0.97 25.63 13.34
N ALA A 393 2.15 25.43 13.91
CA ALA A 393 2.43 24.15 14.58
C ALA A 393 1.62 24.00 15.87
N GLN A 394 1.15 25.13 16.38
CA GLN A 394 0.30 25.16 17.57
C GLN A 394 -1.18 25.00 17.21
N ARG A 395 -1.47 25.04 15.90
CA ARG A 395 -2.83 24.77 15.41
C ARG A 395 -2.81 23.81 14.25
N PRO A 396 -2.20 22.60 14.42
CA PRO A 396 -1.97 21.66 13.31
C PRO A 396 -3.25 21.10 12.72
N LEU A 397 -4.36 21.17 13.45
CA LEU A 397 -5.63 20.65 12.93
C LEU A 397 -6.37 21.63 12.04
N ASP A 398 -6.08 22.90 12.17
CA ASP A 398 -6.87 23.93 11.52
C ASP A 398 -6.10 24.80 10.54
N THR A 399 -4.86 24.43 10.25
CA THR A 399 -4.02 25.18 9.32
C THR A 399 -3.34 24.23 8.36
N PRO A 400 -3.08 24.69 7.12
CA PRO A 400 -3.39 26.03 6.60
C PRO A 400 -4.87 26.19 6.24
N GLN A 401 -5.35 27.42 6.16
CA GLN A 401 -6.75 27.75 5.90
C GLN A 401 -6.83 29.04 5.09
N GLY A 402 -7.71 29.09 4.09
CA GLY A 402 -8.08 30.39 3.49
C GLY A 402 -7.09 30.90 2.45
N ILE A 403 -7.54 31.83 1.62
CA ILE A 403 -6.68 32.45 0.60
C ILE A 403 -6.38 33.86 1.04
N ALA A 404 -5.12 34.26 0.88
CA ALA A 404 -4.72 35.57 1.37
C ALA A 404 -5.08 36.70 0.39
N LEU A 405 -6.37 36.87 0.15
CA LEU A 405 -6.87 37.78 -0.88
C LEU A 405 -6.59 39.26 -0.61
N ASP A 406 -6.20 39.59 0.61
CA ASP A 406 -5.95 40.98 0.95
C ASP A 406 -4.56 41.43 0.47
N ARG A 407 -3.71 40.46 0.11
CA ARG A 407 -2.43 40.77 -0.52
C ARG A 407 -2.57 40.81 -2.03
N PRO A 408 -2.50 42.02 -2.63
CA PRO A 408 -2.79 42.24 -4.05
C PRO A 408 -2.08 41.27 -5.01
N GLN A 409 -0.87 40.84 -4.65
CA GLN A 409 -0.10 39.88 -5.43
C GLN A 409 -0.80 38.53 -5.45
N VAL A 410 -1.28 38.12 -4.28
CA VAL A 410 -1.93 36.83 -4.14
C VAL A 410 -3.24 36.83 -4.94
N ALA A 411 -4.03 37.89 -4.79
CA ALA A 411 -5.28 38.02 -5.54
C ALA A 411 -5.02 37.84 -7.05
N THR A 412 -3.99 38.53 -7.54
CA THR A 412 -3.58 38.41 -8.94
C THR A 412 -3.22 36.99 -9.35
N GLN A 413 -2.31 36.39 -8.60
CA GLN A 413 -1.90 35.04 -8.94
C GLN A 413 -3.01 34.00 -8.80
N VAL A 414 -3.84 34.14 -7.77
CA VAL A 414 -4.91 33.14 -7.58
C VAL A 414 -5.95 33.25 -8.71
N ARG A 415 -6.30 34.48 -9.09
CA ARG A 415 -7.18 34.70 -10.24
C ARG A 415 -6.57 34.12 -11.53
N GLN A 416 -5.28 34.34 -11.76
CA GLN A 416 -4.60 33.72 -12.91
C GLN A 416 -4.68 32.20 -12.88
N ALA A 417 -4.43 31.64 -11.70
CA ALA A 417 -4.51 30.21 -11.52
C ALA A 417 -5.88 29.71 -11.89
N LEU A 418 -6.93 30.42 -11.49
CA LEU A 418 -8.29 29.95 -11.81
C LEU A 418 -8.58 30.06 -13.31
N ALA A 419 -8.15 31.15 -13.92
CA ALA A 419 -8.30 31.33 -15.36
C ALA A 419 -7.54 30.24 -16.11
N ASP A 420 -6.33 29.92 -15.65
CA ASP A 420 -5.57 28.83 -16.27
C ASP A 420 -6.29 27.50 -16.17
N ALA A 421 -6.78 27.17 -14.97
CA ALA A 421 -7.47 25.91 -14.77
C ALA A 421 -8.77 25.84 -15.59
N ALA A 422 -9.49 26.95 -15.60
CA ALA A 422 -10.69 27.04 -16.38
C ALA A 422 -10.38 26.78 -17.87
N ALA A 423 -9.35 27.43 -18.40
CA ALA A 423 -8.97 27.17 -19.79
C ALA A 423 -8.56 25.71 -20.01
N GLU A 424 -7.87 25.12 -19.04
CA GLU A 424 -7.42 23.76 -19.21
C GLU A 424 -8.62 22.82 -19.26
N VAL A 425 -9.53 23.00 -18.30
CA VAL A 425 -10.72 22.17 -18.24
C VAL A 425 -11.56 22.30 -19.51
N GLU A 426 -11.66 23.52 -20.02
CA GLU A 426 -12.52 23.78 -21.16
C GLU A 426 -11.87 23.32 -22.47
N LYS A 427 -10.55 23.10 -22.43
CA LYS A 427 -9.80 22.67 -23.60
C LYS A 427 -9.89 21.15 -23.70
N SER A 428 -10.06 20.49 -22.56
CA SER A 428 -10.39 19.07 -22.54
C SER A 428 -11.66 18.90 -23.34
N GLY A 429 -11.90 17.68 -23.79
CA GLY A 429 -13.10 17.45 -24.58
C GLY A 429 -14.23 16.84 -23.79
N ILE A 430 -14.40 17.28 -22.55
CA ILE A 430 -15.45 16.75 -21.69
C ILE A 430 -16.82 17.33 -22.04
N PRO A 431 -17.79 16.45 -22.33
CA PRO A 431 -19.16 16.85 -22.68
C PRO A 431 -19.73 17.84 -21.69
N ASP A 432 -20.43 18.87 -22.14
CA ASP A 432 -21.11 19.76 -21.21
C ASP A 432 -22.07 18.91 -20.36
N GLY A 433 -22.20 19.24 -19.08
CA GLY A 433 -23.15 18.56 -18.22
C GLY A 433 -22.76 17.17 -17.69
N ALA A 434 -21.65 16.61 -18.19
CA ALA A 434 -21.09 15.37 -17.65
C ALA A 434 -20.90 15.53 -16.15
N ARG A 435 -21.22 14.47 -15.40
CA ARG A 435 -20.97 14.48 -13.95
C ARG A 435 -19.77 13.61 -13.64
N TRP A 436 -19.28 13.68 -12.40
CA TRP A 436 -18.04 12.98 -12.05
C TRP A 436 -18.11 11.47 -12.36
N GLY A 437 -19.24 10.82 -12.13
CA GLY A 437 -19.34 9.38 -12.42
C GLY A 437 -19.34 9.05 -13.92
N ASP A 438 -19.63 10.03 -14.77
CA ASP A 438 -19.53 9.81 -16.20
C ASP A 438 -18.06 9.75 -16.63
N LEU A 439 -17.21 10.41 -15.86
CA LEU A 439 -15.79 10.52 -16.21
C LEU A 439 -14.94 9.41 -15.58
N GLN A 440 -15.18 9.13 -14.29
CA GLN A 440 -14.32 8.22 -13.54
C GLN A 440 -14.98 6.85 -13.48
N VAL A 441 -14.32 5.86 -14.06
CA VAL A 441 -14.92 4.54 -14.19
C VAL A 441 -13.93 3.44 -14.00
N SER A 442 -14.42 2.22 -13.83
CA SER A 442 -13.58 1.05 -13.91
C SER A 442 -14.15 0.16 -14.99
N THR A 443 -13.29 -0.23 -15.91
CA THR A 443 -13.65 -1.03 -17.09
C THR A 443 -13.77 -2.51 -16.69
N ARG A 444 -14.84 -3.13 -17.18
CA ARG A 444 -15.06 -4.56 -16.94
C ARG A 444 -15.45 -5.17 -18.27
N GLY A 445 -14.56 -5.93 -18.91
CA GLY A 445 -14.88 -6.37 -20.28
C GLY A 445 -15.02 -5.16 -21.20
N GLN A 446 -16.14 -4.99 -21.91
CA GLN A 446 -16.24 -3.67 -22.54
C GLN A 446 -17.38 -2.83 -22.00
N GLU A 447 -17.76 -3.11 -20.77
CA GLU A 447 -18.63 -2.21 -20.02
C GLU A 447 -17.77 -1.30 -19.11
N ARG A 448 -18.34 -0.20 -18.68
CA ARG A 448 -17.67 0.60 -17.65
C ARG A 448 -18.59 0.55 -16.48
N ILE A 449 -18.02 0.85 -15.31
CA ILE A 449 -18.79 1.06 -14.12
C ILE A 449 -18.31 2.36 -13.51
N ALA A 450 -19.25 3.26 -13.25
CA ALA A 450 -18.96 4.55 -12.57
C ALA A 450 -18.45 4.35 -11.15
N ILE A 451 -17.38 5.05 -10.79
CA ILE A 451 -16.74 4.81 -9.45
C ILE A 451 -16.69 6.13 -8.66
N PRO A 452 -17.33 6.18 -7.48
CA PRO A 452 -17.25 7.41 -6.71
C PRO A 452 -15.96 7.52 -5.90
N GLY A 453 -15.69 8.72 -5.40
CA GLY A 453 -14.41 8.98 -4.73
C GLY A 453 -13.47 9.82 -5.57
N GLY A 454 -12.37 10.21 -4.94
CA GLY A 454 -11.45 11.12 -5.58
C GLY A 454 -10.11 11.10 -4.93
N ASP A 455 -9.16 11.87 -5.44
CA ASP A 455 -7.78 11.73 -4.96
C ASP A 455 -7.63 12.12 -3.50
N GLY A 456 -6.99 11.24 -2.76
CA GLY A 456 -6.76 11.51 -1.34
C GLY A 456 -6.06 12.84 -1.11
N HIS A 457 -5.26 13.32 -2.07
CA HIS A 457 -4.54 14.59 -1.86
C HIS A 457 -5.49 15.78 -1.78
N PHE A 458 -6.74 15.61 -2.24
CA PHE A 458 -7.74 16.67 -2.08
C PHE A 458 -8.59 16.46 -0.83
N GLY A 459 -8.17 15.52 0.02
CA GLY A 459 -8.86 15.30 1.29
C GLY A 459 -10.13 14.46 1.13
N VAL A 460 -10.23 13.65 0.07
CA VAL A 460 -11.35 12.75 -0.02
C VAL A 460 -11.01 11.46 0.73
N TYR A 461 -11.77 11.15 1.75
CA TYR A 461 -11.42 10.03 2.60
C TYR A 461 -11.48 8.74 1.77
N ASN A 462 -12.54 8.62 0.96
CA ASN A 462 -12.65 7.55 -0.03
C ASN A 462 -11.73 7.83 -1.18
N ALA A 463 -10.44 7.56 -0.98
CA ALA A 463 -9.45 7.94 -1.93
C ALA A 463 -9.44 7.01 -3.13
N ILE A 464 -9.54 7.61 -4.31
CA ILE A 464 -9.52 6.89 -5.55
C ILE A 464 -8.54 7.59 -6.48
N GLN A 465 -7.61 6.84 -7.05
CA GLN A 465 -6.66 7.38 -8.02
C GLN A 465 -7.00 6.85 -9.43
N SER A 466 -7.06 7.76 -10.42
CA SER A 466 -7.38 7.33 -11.77
CA SER A 466 -7.38 7.37 -11.78
C SER A 466 -6.41 8.00 -12.76
N VAL A 467 -6.40 7.47 -13.98
CA VAL A 467 -5.52 7.98 -15.02
C VAL A 467 -6.35 8.12 -16.29
N ARG A 468 -6.03 9.14 -17.09
CA ARG A 468 -6.78 9.36 -18.32
C ARG A 468 -6.51 8.18 -19.25
N LYS A 469 -7.59 7.60 -19.79
CA LYS A 469 -7.49 6.52 -20.78
C LYS A 469 -8.57 6.77 -21.83
N GLY A 470 -8.19 7.12 -23.05
CA GLY A 470 -9.14 7.64 -24.02
C GLY A 470 -10.05 8.75 -23.52
N ASP A 471 -11.34 8.45 -23.51
CA ASP A 471 -12.37 9.40 -23.13
C ASP A 471 -12.73 9.41 -21.63
N HIS A 472 -11.96 8.69 -20.81
CA HIS A 472 -12.37 8.59 -19.43
C HIS A 472 -11.18 8.59 -18.47
N LEU A 473 -11.50 8.57 -17.18
CA LEU A 473 -10.52 8.38 -16.09
C LEU A 473 -10.70 6.98 -15.61
N GLU A 474 -9.67 6.17 -15.79
CA GLU A 474 -9.73 4.76 -15.41
C GLU A 474 -9.15 4.58 -14.01
N VAL A 475 -9.91 3.96 -13.11
CA VAL A 475 -9.45 3.83 -11.72
C VAL A 475 -8.22 2.90 -11.67
N VAL A 476 -7.14 3.30 -10.97
CA VAL A 476 -6.02 2.37 -10.91
C VAL A 476 -5.74 1.92 -9.47
N GLY A 477 -6.24 2.65 -8.51
CA GLY A 477 -6.00 2.27 -7.13
C GLY A 477 -6.83 3.10 -6.16
N GLY A 478 -6.88 2.70 -4.90
CA GLY A 478 -7.66 3.47 -3.91
C GLY A 478 -8.40 2.51 -3.03
N THR A 479 -9.49 2.99 -2.47
CA THR A 479 -10.34 2.16 -1.61
C THR A 479 -10.49 0.78 -2.28
N SER A 480 -10.36 -0.26 -1.47
CA SER A 480 -10.05 -1.60 -1.99
C SER A 480 -10.84 -2.59 -1.12
N TYR A 481 -10.19 -3.15 -0.10
CA TYR A 481 -10.94 -3.92 0.88
C TYR A 481 -11.44 -2.98 1.97
N ILE A 482 -12.76 -2.91 2.14
CA ILE A 482 -13.38 -2.10 3.19
C ILE A 482 -13.93 -3.03 4.25
N GLN A 483 -13.61 -2.76 5.53
CA GLN A 483 -14.17 -3.54 6.61
C GLN A 483 -14.48 -2.64 7.80
N LEU A 484 -15.71 -2.71 8.29
CA LEU A 484 -16.14 -1.99 9.47
C LEU A 484 -16.65 -3.02 10.43
N VAL A 485 -16.01 -3.12 11.59
CA VAL A 485 -16.32 -4.19 12.52
C VAL A 485 -16.82 -3.64 13.86
N THR A 486 -17.91 -4.21 14.40
CA THR A 486 -18.33 -3.98 15.75
C THR A 486 -18.52 -5.31 16.46
N PHE A 487 -18.76 -5.24 17.76
CA PHE A 487 -18.78 -6.47 18.58
C PHE A 487 -20.05 -6.62 19.40
N PRO A 488 -21.17 -6.84 18.70
CA PRO A 488 -22.38 -7.05 19.52
C PRO A 488 -22.34 -8.40 20.22
N GLU A 489 -23.29 -8.66 21.11
CA GLU A 489 -23.14 -9.80 22.00
C GLU A 489 -23.01 -11.17 21.28
N GLU A 490 -23.71 -11.36 20.17
CA GLU A 490 -23.68 -12.68 19.52
C GLU A 490 -22.35 -13.01 18.82
N GLY A 491 -21.59 -11.98 18.40
CA GLY A 491 -20.32 -12.22 17.71
C GLY A 491 -19.99 -11.03 16.88
N PRO A 492 -18.79 -11.01 16.24
CA PRO A 492 -18.43 -9.81 15.49
C PRO A 492 -19.36 -9.53 14.33
N LYS A 493 -19.68 -8.25 14.14
CA LYS A 493 -20.51 -7.83 13.02
C LYS A 493 -19.62 -7.04 12.11
N ALA A 494 -19.32 -7.61 10.95
CA ALA A 494 -18.42 -6.95 9.99
C ALA A 494 -19.17 -6.61 8.72
N ARG A 495 -18.94 -5.41 8.24
CA ARG A 495 -19.64 -4.88 7.07
C ARG A 495 -18.62 -4.27 6.11
N GLY A 496 -18.86 -4.43 4.80
CA GLY A 496 -17.93 -3.82 3.85
C GLY A 496 -18.05 -4.38 2.43
N LEU A 497 -16.94 -4.34 1.69
CA LEU A 497 -16.92 -4.65 0.26
C LEU A 497 -15.46 -4.84 -0.14
N LEU A 498 -15.28 -5.55 -1.25
CA LEU A 498 -13.99 -5.60 -1.93
C LEU A 498 -14.31 -4.86 -3.22
N ALA A 499 -13.85 -3.59 -3.34
CA ALA A 499 -14.41 -2.69 -4.34
C ALA A 499 -14.27 -3.19 -5.78
N PHE A 500 -13.14 -3.88 -6.04
CA PHE A 500 -12.89 -4.33 -7.42
C PHE A 500 -13.34 -5.79 -7.66
N SER A 501 -13.94 -6.39 -6.64
CA SER A 501 -14.54 -7.79 -6.70
C SER A 501 -13.42 -8.87 -6.57
N GLN A 502 -13.82 -10.09 -6.19
CA GLN A 502 -12.86 -11.11 -5.86
C GLN A 502 -11.95 -11.48 -6.97
N SER A 503 -12.49 -11.55 -8.18
CA SER A 503 -11.72 -12.09 -9.29
C SER A 503 -11.30 -11.04 -10.32
N SER A 504 -10.05 -11.15 -10.74
CA SER A 504 -9.52 -10.34 -11.82
C SER A 504 -9.76 -10.91 -13.24
N ASP A 505 -10.45 -12.07 -13.29
CA ASP A 505 -10.65 -12.74 -14.58
C ASP A 505 -12.06 -12.45 -15.13
N PRO A 506 -12.15 -11.90 -16.34
CA PRO A 506 -13.46 -11.57 -16.93
C PRO A 506 -14.36 -12.72 -17.03
N ARG A 507 -13.82 -13.93 -17.00
CA ARG A 507 -14.73 -15.11 -17.11
C ARG A 507 -15.44 -15.40 -15.81
N SER A 508 -14.99 -14.86 -14.71
CA SER A 508 -15.52 -15.25 -13.41
C SER A 508 -16.88 -14.59 -13.10
N PRO A 509 -17.78 -15.32 -12.42
CA PRO A 509 -19.01 -14.70 -11.90
C PRO A 509 -18.74 -13.62 -10.87
N HIS A 510 -17.50 -13.54 -10.42
CA HIS A 510 -17.13 -12.58 -9.35
C HIS A 510 -16.13 -11.56 -9.80
N TYR A 511 -16.27 -11.19 -11.07
CA TYR A 511 -15.42 -10.21 -11.72
C TYR A 511 -15.87 -8.77 -11.47
N ARG A 512 -17.16 -8.57 -11.34
CA ARG A 512 -17.67 -7.18 -11.21
C ARG A 512 -18.85 -7.04 -10.22
N ASP A 513 -19.20 -8.12 -9.51
CA ASP A 513 -20.41 -8.08 -8.71
C ASP A 513 -20.28 -7.09 -7.51
N GLN A 514 -19.14 -7.06 -6.82
CA GLN A 514 -19.00 -6.06 -5.76
C GLN A 514 -18.67 -4.68 -6.27
N THR A 515 -18.18 -4.61 -7.49
CA THR A 515 -17.90 -3.31 -8.09
C THR A 515 -19.19 -2.56 -8.42
N GLU A 516 -20.21 -3.28 -8.92
CA GLU A 516 -21.53 -2.69 -9.04
C GLU A 516 -22.01 -2.13 -7.65
N LEU A 517 -21.83 -2.92 -6.59
CA LEU A 517 -22.21 -2.49 -5.23
C LEU A 517 -21.39 -1.29 -4.75
N PHE A 518 -20.10 -1.28 -5.08
CA PHE A 518 -19.26 -0.17 -4.72
C PHE A 518 -19.70 1.10 -5.43
N SER A 519 -20.08 0.98 -6.68
CA SER A 519 -20.54 2.12 -7.45
C SER A 519 -21.73 2.76 -6.72
N ARG A 520 -22.62 1.91 -6.20
CA ARG A 520 -23.85 2.36 -5.54
C ARG A 520 -23.63 2.60 -4.03
N GLN A 521 -22.41 2.40 -3.60
CA GLN A 521 -21.95 2.48 -2.18
C GLN A 521 -22.82 1.63 -1.21
N GLN A 522 -23.09 0.39 -1.61
CA GLN A 522 -23.97 -0.49 -0.84
C GLN A 522 -23.12 -1.61 -0.19
N TRP A 523 -22.64 -1.36 1.02
CA TRP A 523 -21.77 -2.31 1.72
C TRP A 523 -22.63 -3.50 2.17
N GLN A 524 -21.95 -4.59 2.49
CA GLN A 524 -22.66 -5.85 2.78
C GLN A 524 -22.09 -6.52 4.00
N THR A 525 -22.85 -7.49 4.51
CA THR A 525 -22.34 -8.29 5.64
C THR A 525 -21.18 -9.15 5.19
N LEU A 526 -20.17 -9.26 6.07
CA LEU A 526 -19.05 -10.22 5.93
C LEU A 526 -19.34 -11.35 6.90
N PRO A 527 -19.97 -12.48 6.42
CA PRO A 527 -20.41 -13.58 7.30
C PRO A 527 -19.26 -14.34 7.88
N PHE A 528 -19.26 -14.50 9.22
CA PHE A 528 -18.11 -15.08 9.93
C PHE A 528 -18.53 -16.30 10.75
N SER A 529 -19.67 -16.20 11.44
CA SER A 529 -20.11 -17.37 12.22
C SER A 529 -20.70 -18.44 11.32
N ASP A 530 -20.66 -19.69 11.81
CA ASP A 530 -21.23 -20.81 11.07
C ASP A 530 -22.71 -20.48 10.79
N ARG A 531 -23.36 -19.80 11.72
CA ARG A 531 -24.77 -19.37 11.57
C ARG A 531 -24.95 -18.40 10.39
N GLN A 532 -24.08 -17.38 10.34
CA GLN A 532 -24.11 -16.37 9.25
C GLN A 532 -23.81 -17.07 7.91
N ILE A 533 -22.82 -17.96 7.88
CA ILE A 533 -22.40 -18.67 6.65
C ILE A 533 -23.51 -19.57 6.13
N ASP A 534 -24.10 -20.32 7.03
CA ASP A 534 -25.26 -21.11 6.66
C ASP A 534 -26.51 -20.34 6.31
N ALA A 535 -26.65 -19.09 6.74
CA ALA A 535 -27.88 -18.38 6.36
C ALA A 535 -27.81 -17.88 4.91
N ASP A 536 -26.63 -17.95 4.28
CA ASP A 536 -26.45 -17.47 2.89
C ASP A 536 -27.08 -18.33 1.83
N PRO A 537 -28.06 -17.78 1.08
CA PRO A 537 -28.71 -18.72 0.15
C PRO A 537 -27.87 -19.06 -1.07
N GLN A 538 -26.76 -18.37 -1.27
CA GLN A 538 -25.79 -18.68 -2.30
C GLN A 538 -24.70 -19.72 -1.91
N LEU A 539 -24.81 -20.29 -0.72
CA LEU A 539 -23.75 -21.15 -0.21
C LEU A 539 -23.41 -22.30 -1.12
N GLN A 540 -22.14 -22.44 -1.45
CA GLN A 540 -21.58 -23.59 -2.21
C GLN A 540 -20.52 -24.24 -1.30
N ARG A 541 -20.44 -25.56 -1.37
CA ARG A 541 -19.43 -26.25 -0.56
C ARG A 541 -18.67 -27.23 -1.46
N LEU A 542 -17.38 -27.35 -1.21
CA LEU A 542 -16.55 -28.35 -1.85
C LEU A 542 -15.50 -28.86 -0.85
N SER A 543 -15.28 -30.16 -0.82
CA SER A 543 -14.18 -30.68 0.02
C SER A 543 -13.19 -31.27 -0.93
N ILE A 544 -11.89 -31.02 -0.73
CA ILE A 544 -10.86 -31.57 -1.60
C ILE A 544 -9.73 -32.25 -0.85
N ARG A 545 -9.08 -33.24 -1.44
CA ARG A 545 -7.96 -33.84 -0.79
C ARG A 545 -7.00 -34.43 -1.83
N GLU A 546 -5.74 -34.60 -1.43
CA GLU A 546 -4.79 -35.38 -2.22
C GLU A 546 -3.67 -35.89 -1.31
N ALA A 547 -2.91 -36.89 -1.73
CA ALA A 547 -1.76 -37.37 -0.94
C ALA A 547 -0.62 -36.37 -0.96
N ALA A 548 0.20 -36.34 0.11
CA ALA A 548 1.31 -35.37 0.15
C ALA A 548 2.58 -35.91 -0.51
N GLY B 3 -2.53 -36.83 4.41
CA GLY B 3 -2.20 -35.96 3.29
C GLY B 3 -2.66 -34.53 3.47
N LEU B 4 -3.11 -33.91 2.37
CA LEU B 4 -3.68 -32.59 2.37
C LEU B 4 -5.20 -32.63 2.15
N ALA B 5 -5.95 -31.86 2.92
CA ALA B 5 -7.40 -31.89 2.78
C ALA B 5 -7.94 -30.60 3.28
N ALA B 6 -8.99 -30.11 2.64
CA ALA B 6 -9.64 -28.84 3.08
C ALA B 6 -11.10 -28.93 2.77
N ASP B 7 -11.89 -28.24 3.60
CA ASP B 7 -13.30 -28.07 3.35
C ASP B 7 -13.50 -26.63 2.99
N ILE B 8 -14.09 -26.35 1.84
CA ILE B 8 -14.29 -24.96 1.45
C ILE B 8 -15.79 -24.62 1.31
N ARG B 9 -16.23 -23.52 1.90
CA ARG B 9 -17.58 -23.03 1.68
C ARG B 9 -17.41 -21.65 1.00
N TRP B 10 -18.20 -21.36 -0.05
CA TRP B 10 -18.18 -20.01 -0.57
C TRP B 10 -19.52 -19.35 -0.24
N THR B 11 -19.50 -18.11 0.21
CA THR B 11 -20.72 -17.35 0.39
C THR B 11 -20.86 -16.33 -0.77
N ALA B 12 -21.87 -15.48 -0.71
CA ALA B 12 -22.07 -14.45 -1.75
C ALA B 12 -20.79 -13.72 -2.16
N TYR B 13 -20.69 -13.43 -3.45
CA TYR B 13 -19.59 -12.68 -4.04
C TYR B 13 -18.31 -13.51 -4.13
N GLY B 14 -18.42 -14.81 -3.88
CA GLY B 14 -17.30 -15.70 -4.09
C GLY B 14 -16.27 -15.64 -2.98
N VAL B 15 -16.73 -15.38 -1.76
CA VAL B 15 -15.79 -15.32 -0.59
C VAL B 15 -15.61 -16.72 -0.03
N PRO B 16 -14.35 -17.26 -0.01
CA PRO B 16 -14.17 -18.61 0.49
C PRO B 16 -13.94 -18.63 1.97
N HIS B 17 -14.45 -19.72 2.55
CA HIS B 17 -14.28 -19.99 3.98
C HIS B 17 -13.62 -21.38 4.04
N ILE B 18 -12.36 -21.39 4.44
CA ILE B 18 -11.59 -22.58 4.35
C ILE B 18 -11.43 -23.17 5.74
N ARG B 19 -11.73 -24.47 5.92
CA ARG B 19 -11.53 -25.19 7.21
C ARG B 19 -10.59 -26.37 6.99
N ALA B 20 -9.61 -26.55 7.88
CA ALA B 20 -8.70 -27.69 7.75
C ALA B 20 -8.18 -28.03 9.15
N LYS B 21 -7.57 -29.20 9.32
CA LYS B 21 -7.14 -29.61 10.64
C LYS B 21 -5.70 -29.12 10.90
N ASP B 22 -5.02 -28.59 9.87
CA ASP B 22 -3.62 -28.17 10.03
C ASP B 22 -3.26 -27.17 8.93
N GLU B 23 -2.05 -26.61 9.05
CA GLU B 23 -1.62 -25.56 8.10
C GLU B 23 -1.50 -26.07 6.68
N ARG B 24 -1.06 -27.33 6.47
CA ARG B 24 -0.93 -27.82 5.09
CA ARG B 24 -0.93 -27.71 5.06
C ARG B 24 -2.31 -27.89 4.40
N GLY B 25 -3.26 -28.41 5.12
CA GLY B 25 -4.62 -28.45 4.53
C GLY B 25 -5.23 -27.07 4.37
N LEU B 26 -4.99 -26.19 5.32
CA LEU B 26 -5.49 -24.82 5.20
C LEU B 26 -4.90 -24.14 3.96
N GLY B 27 -3.60 -24.29 3.77
CA GLY B 27 -2.93 -23.75 2.58
C GLY B 27 -3.49 -24.35 1.29
N TYR B 28 -3.79 -25.64 1.30
CA TYR B 28 -4.38 -26.34 0.16
C TYR B 28 -5.70 -25.68 -0.24
N GLY B 29 -6.54 -25.37 0.75
CA GLY B 29 -7.83 -24.72 0.48
C GLY B 29 -7.63 -23.30 -0.08
N ILE B 30 -6.71 -22.55 0.52
CA ILE B 30 -6.46 -21.17 0.10
C ILE B 30 -5.98 -21.17 -1.36
N GLY B 31 -4.98 -21.99 -1.67
CA GLY B 31 -4.37 -21.98 -3.01
C GLY B 31 -5.42 -22.40 -4.05
N TYR B 32 -6.24 -23.41 -3.75
CA TYR B 32 -7.31 -23.79 -4.68
C TYR B 32 -8.33 -22.65 -4.89
N ALA B 33 -8.86 -22.11 -3.80
CA ALA B 33 -9.87 -21.04 -3.91
C ALA B 33 -9.26 -19.85 -4.68
N TYR B 34 -8.02 -19.50 -4.35
CA TYR B 34 -7.46 -18.31 -5.00
C TYR B 34 -7.21 -18.56 -6.50
N ALA B 35 -6.74 -19.74 -6.86
CA ALA B 35 -6.56 -20.08 -8.29
C ALA B 35 -7.88 -19.96 -9.05
N ARG B 36 -8.97 -20.39 -8.42
CA ARG B 36 -10.27 -20.37 -9.11
C ARG B 36 -10.64 -18.96 -9.53
N ASP B 37 -10.24 -17.99 -8.72
CA ASP B 37 -10.54 -16.58 -9.00
C ASP B 37 -9.41 -15.84 -9.75
N ASN B 38 -8.16 -16.28 -9.53
CA ASN B 38 -7.07 -15.36 -9.90
C ASN B 38 -5.83 -16.09 -10.38
N ALA B 39 -6.01 -17.25 -10.98
CA ALA B 39 -4.83 -17.98 -11.44
C ALA B 39 -3.96 -17.17 -12.41
N CYS B 40 -4.59 -16.50 -13.36
CA CYS B 40 -3.81 -15.74 -14.35
C CYS B 40 -3.02 -14.63 -13.70
N LEU B 41 -3.66 -13.92 -12.77
CA LEU B 41 -2.95 -12.86 -12.05
CA LEU B 41 -2.97 -12.85 -12.06
C LEU B 41 -1.74 -13.40 -11.33
N LEU B 42 -1.90 -14.52 -10.57
CA LEU B 42 -0.77 -15.02 -9.79
C LEU B 42 0.32 -15.49 -10.73
N ALA B 43 -0.04 -16.14 -11.83
CA ALA B 43 0.94 -16.62 -12.79
C ALA B 43 1.76 -15.43 -13.34
N GLU B 44 1.10 -14.34 -13.73
CA GLU B 44 1.81 -13.15 -14.23
CA GLU B 44 1.78 -13.15 -14.24
C GLU B 44 2.75 -12.59 -13.19
N GLU B 45 2.27 -12.52 -11.94
CA GLU B 45 3.14 -11.90 -10.94
C GLU B 45 4.29 -12.76 -10.56
N ILE B 46 4.12 -14.09 -10.68
CA ILE B 46 5.22 -15.01 -10.46
C ILE B 46 6.24 -14.89 -11.59
N VAL B 47 5.79 -14.74 -12.84
CA VAL B 47 6.74 -14.45 -13.93
C VAL B 47 7.57 -13.19 -13.56
N THR B 48 6.90 -12.17 -13.08
CA THR B 48 7.60 -10.92 -12.70
C THR B 48 8.63 -11.21 -11.61
N ALA B 49 8.18 -11.88 -10.55
CA ALA B 49 9.13 -12.09 -9.43
C ALA B 49 10.24 -13.12 -9.72
N ARG B 50 10.06 -13.98 -10.73
CA ARG B 50 11.13 -14.85 -11.25
C ARG B 50 12.07 -14.11 -12.21
N GLY B 51 11.76 -12.85 -12.55
CA GLY B 51 12.57 -12.15 -13.54
C GLY B 51 12.51 -12.76 -14.94
N GLU B 52 11.30 -13.19 -15.36
CA GLU B 52 11.15 -13.87 -16.66
C GLU B 52 10.21 -13.10 -17.60
N ARG B 53 9.91 -11.82 -17.30
CA ARG B 53 8.99 -11.08 -18.20
C ARG B 53 9.53 -10.95 -19.58
N ALA B 54 10.81 -10.60 -19.73
CA ALA B 54 11.35 -10.44 -21.11
C ALA B 54 11.36 -11.74 -21.89
N ARG B 55 11.47 -12.85 -21.17
CA ARG B 55 11.50 -14.17 -21.82
C ARG B 55 10.13 -14.48 -22.47
N TYR B 56 9.06 -14.11 -21.77
CA TYR B 56 7.72 -14.43 -22.28
C TYR B 56 7.10 -13.30 -23.11
N PHE B 57 7.49 -12.05 -22.79
CA PHE B 57 6.79 -10.89 -23.35
C PHE B 57 7.68 -9.89 -24.08
N GLY B 58 9.00 -10.12 -24.10
CA GLY B 58 9.90 -9.23 -24.82
C GLY B 58 10.24 -7.98 -24.02
N SER B 59 11.11 -7.17 -24.58
CA SER B 59 11.59 -6.04 -23.80
C SER B 59 10.70 -4.78 -23.95
N GLU B 60 9.72 -4.79 -24.85
CA GLU B 60 8.91 -3.57 -25.01
C GLU B 60 7.69 -3.53 -24.05
N GLY B 61 7.50 -4.52 -23.20
CA GLY B 61 6.34 -4.53 -22.33
C GLY B 61 6.76 -4.06 -20.92
N LYS B 62 5.78 -3.98 -20.05
CA LYS B 62 6.02 -3.56 -18.63
C LYS B 62 5.39 -4.57 -17.72
N SER B 63 5.80 -4.54 -16.45
CA SER B 63 5.12 -5.29 -15.39
C SER B 63 3.85 -4.54 -14.95
N SER B 64 3.09 -5.14 -14.03
CA SER B 64 1.89 -4.47 -13.49
C SER B 64 2.29 -3.34 -12.51
N ALA B 65 3.55 -3.31 -12.11
CA ALA B 65 4.09 -2.15 -11.39
C ALA B 65 4.61 -1.04 -12.32
N GLU B 66 4.37 -1.21 -13.63
CA GLU B 66 4.77 -0.28 -14.65
C GLU B 66 6.31 -0.10 -14.76
N LEU B 67 7.07 -1.13 -14.39
CA LEU B 67 8.48 -1.17 -14.71
C LEU B 67 8.69 -1.85 -16.07
N ASP B 68 9.62 -1.35 -16.88
CA ASP B 68 10.00 -2.07 -18.12
C ASP B 68 10.42 -3.50 -17.83
N ASN B 69 10.16 -4.39 -18.77
CA ASN B 69 10.37 -5.79 -18.52
C ASN B 69 11.83 -6.19 -18.23
N LEU B 70 12.79 -5.63 -18.97
CA LEU B 70 14.15 -6.10 -18.78
C LEU B 70 14.73 -5.56 -17.45
N PRO B 71 14.57 -4.25 -17.14
CA PRO B 71 15.01 -3.73 -15.81
C PRO B 71 14.31 -4.48 -14.71
N SER B 72 12.99 -4.74 -14.84
CA SER B 72 12.28 -5.47 -13.78
C SER B 72 12.91 -6.84 -13.60
N ASP B 73 13.20 -7.52 -14.71
CA ASP B 73 13.78 -8.85 -14.61
C ASP B 73 15.17 -8.83 -13.95
N ILE B 74 16.01 -7.86 -14.32
CA ILE B 74 17.33 -7.76 -13.66
C ILE B 74 17.12 -7.59 -12.17
N PHE B 75 16.23 -6.68 -11.79
CA PHE B 75 16.03 -6.40 -10.37
C PHE B 75 15.58 -7.69 -9.65
N TYR B 76 14.56 -8.39 -10.19
CA TYR B 76 14.05 -9.58 -9.48
C TYR B 76 15.00 -10.74 -9.55
N ALA B 77 15.81 -10.83 -10.62
CA ALA B 77 16.83 -11.89 -10.64
C ALA B 77 17.85 -11.64 -9.53
N TRP B 78 18.24 -10.38 -9.34
CA TRP B 78 19.11 -10.01 -8.24
C TRP B 78 18.44 -10.29 -6.86
N LEU B 79 17.20 -9.81 -6.70
CA LEU B 79 16.54 -9.88 -5.38
C LEU B 79 16.29 -11.33 -4.96
N ASN B 80 15.85 -12.10 -5.94
CA ASN B 80 15.45 -13.48 -5.69
C ASN B 80 16.44 -14.54 -6.18
N GLN B 81 17.74 -14.25 -5.94
CA GLN B 81 18.78 -15.25 -6.23
C GLN B 81 18.59 -16.52 -5.40
N PRO B 82 19.05 -17.66 -5.91
CA PRO B 82 18.84 -18.94 -5.21
C PRO B 82 19.32 -18.91 -3.74
N GLU B 83 20.44 -18.25 -3.47
CA GLU B 83 20.97 -18.29 -2.10
C GLU B 83 20.05 -17.53 -1.15
N ALA B 84 19.41 -16.48 -1.66
CA ALA B 84 18.49 -15.68 -0.81
C ALA B 84 17.21 -16.43 -0.54
N LEU B 85 16.68 -17.10 -1.55
CA LEU B 85 15.47 -17.86 -1.32
C LEU B 85 15.76 -19.03 -0.36
N GLN B 86 16.91 -19.68 -0.52
CA GLN B 86 17.18 -20.82 0.38
C GLN B 86 17.30 -20.32 1.82
N ALA B 87 17.97 -19.17 2.01
CA ALA B 87 18.11 -18.65 3.38
C ALA B 87 16.77 -18.29 3.98
N PHE B 88 15.90 -17.73 3.13
CA PHE B 88 14.61 -17.30 3.62
C PHE B 88 13.82 -18.57 4.01
N TRP B 89 13.86 -19.60 3.15
CA TRP B 89 13.15 -20.83 3.48
C TRP B 89 13.67 -21.49 4.75
N GLN B 90 14.99 -21.55 4.91
CA GLN B 90 15.59 -22.22 6.06
C GLN B 90 15.19 -21.52 7.36
N ALA B 91 14.88 -20.23 7.26
CA ALA B 91 14.47 -19.46 8.43
C ALA B 91 12.98 -19.55 8.77
N GLN B 92 12.20 -20.28 7.95
CA GLN B 92 10.76 -20.37 8.24
C GLN B 92 10.44 -21.48 9.24
N THR B 93 9.44 -21.24 10.08
CA THR B 93 8.92 -22.25 10.98
C THR B 93 8.22 -23.34 10.20
N PRO B 94 8.10 -24.51 10.80
CA PRO B 94 7.30 -25.58 10.19
C PRO B 94 5.89 -25.14 9.83
N ALA B 95 5.23 -24.34 10.66
CA ALA B 95 3.85 -23.92 10.34
C ALA B 95 3.81 -23.14 9.05
N VAL B 96 4.77 -22.25 8.87
CA VAL B 96 4.72 -21.41 7.66
C VAL B 96 5.13 -22.23 6.45
N ARG B 97 6.13 -23.11 6.62
CA ARG B 97 6.49 -24.00 5.49
C ARG B 97 5.26 -24.80 5.06
N GLN B 98 4.52 -25.30 6.04
CA GLN B 98 3.33 -26.14 5.69
C GLN B 98 2.27 -25.29 4.96
N LEU B 99 2.00 -24.07 5.42
CA LEU B 99 1.01 -23.20 4.74
C LEU B 99 1.40 -23.04 3.28
N LEU B 100 2.71 -22.82 3.04
CA LEU B 100 3.20 -22.54 1.68
C LEU B 100 3.14 -23.82 0.84
N GLU B 101 3.60 -24.97 1.41
CA GLU B 101 3.48 -26.23 0.67
C GLU B 101 2.03 -26.48 0.28
N GLY B 102 1.11 -26.25 1.21
CA GLY B 102 -0.32 -26.53 0.92
C GLY B 102 -0.83 -25.60 -0.19
N TYR B 103 -0.53 -24.30 -0.06
CA TYR B 103 -0.94 -23.32 -1.11
C TYR B 103 -0.49 -23.73 -2.49
N ALA B 104 0.79 -24.02 -2.66
CA ALA B 104 1.26 -24.43 -3.97
C ALA B 104 0.50 -25.68 -4.46
N ALA B 105 0.29 -26.65 -3.57
CA ALA B 105 -0.37 -27.84 -4.03
C ALA B 105 -1.84 -27.53 -4.41
N GLY B 106 -2.51 -26.65 -3.66
CA GLY B 106 -3.92 -26.36 -3.96
C GLY B 106 -4.05 -25.52 -5.23
N PHE B 107 -3.14 -24.58 -5.44
CA PHE B 107 -3.15 -23.86 -6.70
C PHE B 107 -2.93 -24.81 -7.89
N ASN B 108 -1.94 -25.70 -7.76
CA ASN B 108 -1.68 -26.64 -8.84
C ASN B 108 -2.82 -27.63 -9.09
N ARG B 109 -3.52 -28.04 -8.04
CA ARG B 109 -4.70 -28.94 -8.25
C ARG B 109 -5.77 -28.23 -9.05
N PHE B 110 -5.99 -26.94 -8.77
CA PHE B 110 -7.00 -26.22 -9.58
C PHE B 110 -6.53 -26.20 -11.06
N LEU B 111 -5.26 -25.91 -11.30
CA LEU B 111 -4.73 -25.87 -12.69
C LEU B 111 -4.89 -27.20 -13.43
N ARG B 112 -4.67 -28.33 -12.76
CA ARG B 112 -4.82 -29.62 -13.40
C ARG B 112 -6.26 -29.89 -13.84
N GLU B 113 -7.20 -29.39 -13.06
CA GLU B 113 -8.61 -29.68 -13.30
C GLU B 113 -9.32 -28.64 -14.16
N ALA B 114 -8.74 -27.47 -14.31
CA ALA B 114 -9.47 -26.33 -14.95
C ALA B 114 -9.82 -26.60 -16.40
N ASP B 115 -11.03 -26.21 -16.77
CA ASP B 115 -11.38 -26.29 -18.21
C ASP B 115 -11.79 -24.91 -18.73
N GLY B 116 -11.52 -23.83 -18.02
CA GLY B 116 -11.76 -22.53 -18.62
C GLY B 116 -12.97 -21.78 -18.06
N LYS B 117 -13.72 -22.41 -17.13
CA LYS B 117 -14.88 -21.74 -16.61
C LYS B 117 -14.56 -20.35 -16.04
N THR B 118 -13.43 -20.28 -15.36
CA THR B 118 -13.14 -19.05 -14.66
C THR B 118 -11.69 -18.57 -14.88
N THR B 119 -11.06 -19.10 -15.93
CA THR B 119 -9.63 -18.82 -16.19
C THR B 119 -9.42 -18.53 -17.68
N SER B 120 -8.92 -17.35 -17.99
CA SER B 120 -8.79 -16.92 -19.38
C SER B 120 -7.45 -17.23 -20.04
N CYS B 121 -6.49 -17.76 -19.29
CA CYS B 121 -5.13 -17.93 -19.83
C CYS B 121 -4.66 -19.38 -19.88
N LEU B 122 -5.60 -20.35 -19.87
CA LEU B 122 -5.17 -21.73 -19.98
C LEU B 122 -4.44 -21.92 -21.31
N GLY B 123 -3.36 -22.70 -21.28
CA GLY B 123 -2.67 -22.94 -22.54
C GLY B 123 -1.50 -21.97 -22.75
N GLN B 124 -1.46 -20.84 -22.04
CA GLN B 124 -0.31 -19.94 -22.18
C GLN B 124 0.92 -20.57 -21.54
N PRO B 125 2.10 -20.35 -22.11
CA PRO B 125 3.29 -21.06 -21.63
C PRO B 125 3.72 -20.59 -20.23
N TRP B 126 3.32 -19.37 -19.87
CA TRP B 126 3.69 -18.82 -18.58
C TRP B 126 2.75 -19.25 -17.46
N LEU B 127 1.65 -19.92 -17.81
CA LEU B 127 0.76 -20.45 -16.80
C LEU B 127 1.19 -21.90 -16.50
N ARG B 128 1.82 -22.10 -15.32
CA ARG B 128 2.36 -23.42 -15.04
C ARG B 128 2.29 -23.71 -13.57
N ALA B 129 2.51 -24.99 -13.26
CA ALA B 129 2.53 -25.39 -11.85
C ALA B 129 3.52 -24.51 -11.08
N ILE B 130 3.17 -24.15 -9.84
CA ILE B 130 4.04 -23.29 -9.03
C ILE B 130 4.68 -24.09 -7.88
N ALA B 131 5.79 -23.53 -7.36
CA ALA B 131 6.56 -24.18 -6.28
C ALA B 131 6.51 -23.26 -5.06
N THR B 132 6.84 -23.81 -3.90
CA THR B 132 6.98 -22.89 -2.76
C THR B 132 8.01 -21.80 -3.02
N ASP B 133 9.09 -22.08 -3.76
CA ASP B 133 10.03 -20.98 -4.05
C ASP B 133 9.34 -19.80 -4.76
N ASP B 134 8.35 -20.07 -5.60
CA ASP B 134 7.63 -18.96 -6.22
C ASP B 134 6.89 -18.10 -5.25
N LEU B 135 6.32 -18.75 -4.23
CA LEU B 135 5.65 -17.95 -3.20
C LEU B 135 6.65 -17.17 -2.38
N LEU B 136 7.83 -17.74 -2.17
CA LEU B 136 8.88 -16.95 -1.51
C LEU B 136 9.26 -15.75 -2.38
N ARG B 137 9.31 -15.94 -3.69
CA ARG B 137 9.65 -14.81 -4.61
C ARG B 137 8.63 -13.69 -4.45
N LEU B 138 7.36 -14.02 -4.40
CA LEU B 138 6.30 -13.03 -4.25
C LEU B 138 6.44 -12.33 -2.90
N THR B 139 6.76 -13.11 -1.87
CA THR B 139 6.84 -12.52 -0.56
C THR B 139 7.97 -11.50 -0.48
N ARG B 140 9.11 -11.87 -1.05
CA ARG B 140 10.24 -10.97 -1.05
C ARG B 140 10.00 -9.72 -1.87
N ARG B 141 9.29 -9.87 -3.00
CA ARG B 141 8.92 -8.72 -3.78
C ARG B 141 8.11 -7.73 -2.92
N LEU B 142 7.16 -8.24 -2.14
CA LEU B 142 6.34 -7.38 -1.30
C LEU B 142 7.18 -6.76 -0.12
N LEU B 143 8.13 -7.56 0.39
CA LEU B 143 8.94 -7.17 1.54
CA LEU B 143 8.90 -7.16 1.56
C LEU B 143 9.65 -5.86 1.29
N VAL B 144 10.19 -5.73 0.07
CA VAL B 144 11.10 -4.58 -0.31
C VAL B 144 10.34 -3.43 -0.97
N GLU B 145 9.00 -3.50 -0.98
CA GLU B 145 8.21 -2.40 -1.52
C GLU B 145 8.38 -1.06 -0.78
N GLY B 146 8.77 -1.09 0.48
CA GLY B 146 9.06 0.14 1.23
C GLY B 146 10.54 0.48 1.24
N GLY B 147 11.34 -0.17 0.41
CA GLY B 147 12.79 0.01 0.43
C GLY B 147 13.40 -0.07 -0.94
N VAL B 148 14.23 -1.08 -1.17
CA VAL B 148 15.00 -1.12 -2.38
C VAL B 148 14.07 -1.34 -3.61
N GLY B 149 12.87 -1.88 -3.37
CA GLY B 149 11.96 -1.97 -4.52
C GLY B 149 11.60 -0.63 -5.16
N GLN B 150 11.61 0.44 -4.38
CA GLN B 150 11.29 1.75 -4.91
CA GLN B 150 11.32 1.77 -4.87
C GLN B 150 12.49 2.32 -5.70
N PHE B 151 13.60 1.62 -5.65
CA PHE B 151 14.84 2.04 -6.31
C PHE B 151 15.23 0.97 -7.34
N ALA B 152 14.25 0.23 -7.86
CA ALA B 152 14.65 -0.81 -8.76
C ALA B 152 15.29 -0.27 -10.05
N ASP B 153 14.67 0.73 -10.66
CA ASP B 153 15.25 1.34 -11.88
C ASP B 153 16.69 1.88 -11.52
N ALA B 154 16.80 2.48 -10.33
CA ALA B 154 18.07 3.13 -9.95
C ALA B 154 19.19 2.11 -9.75
N LEU B 155 18.83 0.93 -9.21
CA LEU B 155 19.77 -0.17 -9.04
C LEU B 155 20.27 -0.63 -10.42
N VAL B 156 19.32 -0.84 -11.33
CA VAL B 156 19.67 -1.37 -12.63
C VAL B 156 20.53 -0.38 -13.42
N ALA B 157 20.28 0.92 -13.20
CA ALA B 157 21.04 1.97 -13.85
C ALA B 157 22.44 2.23 -13.33
N ALA B 158 22.76 1.69 -12.16
CA ALA B 158 24.02 2.04 -11.50
C ALA B 158 25.23 1.40 -12.19
N ALA B 159 26.08 2.21 -12.83
CA ALA B 159 27.30 1.74 -13.47
C ALA B 159 28.39 2.80 -13.24
N PRO B 160 29.67 2.38 -13.14
CA PRO B 160 30.70 3.37 -12.87
C PRO B 160 30.93 4.28 -14.03
N PRO B 161 31.53 5.43 -13.76
CA PRO B 161 31.79 6.37 -14.83
C PRO B 161 32.86 5.86 -15.77
N GLY B 162 32.94 6.52 -16.94
CA GLY B 162 34.03 6.37 -17.87
C GLY B 162 35.03 7.49 -17.69
N ALA B 163 35.52 8.05 -18.80
CA ALA B 163 36.58 9.06 -18.68
C ALA B 163 36.06 10.48 -18.94
N GLU B 164 34.80 10.72 -18.65
CA GLU B 164 34.19 12.02 -18.93
C GLU B 164 34.79 13.17 -18.12
N LYS B 165 34.80 14.36 -18.73
CA LYS B 165 34.95 15.62 -18.02
C LYS B 165 33.62 16.43 -17.98
#